data_7ACC
#
_entry.id   7ACC
#
_cell.length_a   107.27
_cell.length_b   107.27
_cell.length_c   142.98
_cell.angle_alpha   90
_cell.angle_beta   90
_cell.angle_gamma   90
#
_symmetry.space_group_name_H-M   'P 43 21 2'
#
loop_
_entity.id
_entity.type
_entity.pdbx_description
1 polymer 'GTP cyclohydrolase 1 feedback regulatory protein'
2 non-polymer 'POTASSIUM ION'
3 water water
#
_entity_poly.entity_id   1
_entity_poly.type   'polypeptide(L)'
_entity_poly.pdbx_seq_one_letter_code
;SHMPYLLISTQIRMEVGPTMVGDEQSDPELMQHLGASKRRALGNNFYEYYVDDPPRIVLDKLERRGFRVLSMTGVGQTLV
WCLHKE
;
_entity_poly.pdbx_strand_id   A,B,C,D,E,F,G,H,I,J
#
# COMPACT_ATOMS: atom_id res chain seq x y z
N PRO A 4 -16.67 6.35 24.95
CA PRO A 4 -15.29 6.68 25.32
C PRO A 4 -14.30 6.66 24.14
N TYR A 5 -14.61 5.95 23.03
CA TYR A 5 -13.69 5.91 21.88
C TYR A 5 -14.19 6.76 20.72
N LEU A 6 -13.28 7.39 19.99
CA LEU A 6 -13.65 8.16 18.80
C LEU A 6 -12.71 7.78 17.66
N LEU A 7 -13.22 7.80 16.43
CA LEU A 7 -12.41 7.58 15.26
C LEU A 7 -12.61 8.78 14.37
N ILE A 8 -11.52 9.42 13.96
CA ILE A 8 -11.59 10.53 13.01
C ILE A 8 -10.65 10.22 11.84
N SER A 9 -10.89 10.82 10.66
CA SER A 9 -10.04 10.54 9.50
C SER A 9 -10.00 11.67 8.51
N THR A 10 -8.95 11.71 7.71
CA THR A 10 -8.84 12.60 6.57
C THR A 10 -8.02 11.89 5.51
N GLN A 11 -8.23 12.24 4.25
CA GLN A 11 -7.38 11.71 3.20
C GLN A 11 -6.22 12.69 3.05
N ILE A 12 -5.10 12.24 2.47
CA ILE A 12 -3.96 13.14 2.23
C ILE A 12 -4.42 14.22 1.20
N ARG A 13 -4.01 15.47 1.37
CA ARG A 13 -3.06 16.01 2.34
C ARG A 13 -3.59 16.08 3.78
N MET A 14 -2.72 15.75 4.75
CA MET A 14 -3.11 15.80 6.17
C MET A 14 -3.40 17.23 6.68
N GLU A 15 -2.87 18.25 5.99
CA GLU A 15 -3.02 19.64 6.42
C GLU A 15 -4.35 20.26 6.04
N VAL A 16 -5.20 19.55 5.28
CA VAL A 16 -6.46 20.14 4.84
C VAL A 16 -7.61 19.19 5.09
N GLY A 17 -8.80 19.75 5.31
CA GLY A 17 -10.01 18.96 5.49
C GLY A 17 -10.52 18.40 4.17
N PRO A 18 -11.72 17.81 4.14
CA PRO A 18 -12.61 17.58 5.29
C PRO A 18 -12.07 16.48 6.21
N THR A 19 -12.54 16.50 7.46
CA THR A 19 -12.19 15.47 8.42
C THR A 19 -13.49 14.76 8.78
N MET A 20 -13.52 13.42 8.70
CA MET A 20 -14.69 12.63 9.10
C MET A 20 -14.60 12.55 10.62
N VAL A 21 -15.65 12.94 11.34
CA VAL A 21 -15.59 12.97 12.81
C VAL A 21 -16.65 12.08 13.49
N GLY A 22 -17.43 11.34 12.72
CA GLY A 22 -18.44 10.46 13.31
C GLY A 22 -19.28 9.64 12.37
N ASP A 23 -19.78 8.53 12.91
CA ASP A 23 -20.72 7.63 12.26
C ASP A 23 -22.16 8.04 12.72
N GLU A 24 -23.21 7.40 12.20
CA GLU A 24 -24.62 7.66 12.49
C GLU A 24 -25.00 7.66 13.98
N GLN A 25 -24.32 6.85 14.80
CA GLN A 25 -24.63 6.72 16.22
C GLN A 25 -23.77 7.60 17.13
N SER A 26 -23.05 8.57 16.57
CA SER A 26 -22.20 9.46 17.36
C SER A 26 -23.02 10.36 18.28
N ASP A 27 -22.42 10.82 19.39
CA ASP A 27 -23.12 11.72 20.33
C ASP A 27 -23.40 13.03 19.60
N PRO A 28 -24.70 13.39 19.45
CA PRO A 28 -25.05 14.60 18.69
C PRO A 28 -24.52 15.90 19.27
N GLU A 29 -24.39 15.96 20.61
CA GLU A 29 -23.90 17.14 21.29
C GLU A 29 -22.41 17.37 20.97
N LEU A 30 -21.60 16.31 21.00
CA LEU A 30 -20.18 16.42 20.64
C LEU A 30 -20.03 16.80 19.15
N MET A 31 -20.89 16.26 18.28
CA MET A 31 -20.84 16.59 16.84
C MET A 31 -21.18 18.05 16.63
N GLN A 32 -22.19 18.56 17.36
CA GLN A 32 -22.59 19.96 17.32
C GLN A 32 -21.46 20.85 17.82
N HIS A 33 -20.78 20.43 18.90
CA HIS A 33 -19.65 21.17 19.45
C HIS A 33 -18.51 21.32 18.41
N LEU A 34 -18.26 20.27 17.62
CA LEU A 34 -17.24 20.33 16.57
C LEU A 34 -17.66 21.17 15.33
N GLY A 35 -18.94 21.55 15.26
CA GLY A 35 -19.50 22.26 14.11
C GLY A 35 -19.71 21.33 12.93
N ALA A 36 -19.94 20.03 13.20
CA ALA A 36 -20.06 19.05 12.14
C ALA A 36 -21.38 19.06 11.40
N SER A 37 -21.30 18.74 10.11
CA SER A 37 -22.45 18.57 9.24
C SER A 37 -22.68 17.08 9.04
N LYS A 38 -23.91 16.71 8.74
CA LYS A 38 -24.29 15.32 8.56
C LYS A 38 -24.63 15.13 7.09
N ARG A 39 -24.10 14.08 6.46
CA ARG A 39 -24.41 13.79 5.06
C ARG A 39 -24.39 12.30 4.77
N ARG A 40 -24.98 11.91 3.65
CA ARG A 40 -25.01 10.53 3.21
C ARG A 40 -24.21 10.50 1.92
N ALA A 41 -23.02 9.86 1.92
CA ALA A 41 -22.24 9.79 0.69
C ALA A 41 -22.97 8.90 -0.31
N LEU A 42 -22.71 9.13 -1.60
CA LEU A 42 -23.31 8.38 -2.70
C LEU A 42 -23.05 6.88 -2.52
N GLY A 43 -24.10 6.08 -2.53
CA GLY A 43 -23.95 4.65 -2.35
C GLY A 43 -24.04 4.17 -0.92
N ASN A 44 -23.97 5.07 0.07
CA ASN A 44 -24.07 4.65 1.48
C ASN A 44 -25.47 4.81 2.01
N ASN A 45 -25.94 3.87 2.84
CA ASN A 45 -27.25 4.02 3.46
C ASN A 45 -27.15 4.66 4.88
N PHE A 46 -25.93 5.02 5.33
CA PHE A 46 -25.67 5.63 6.62
C PHE A 46 -25.16 7.05 6.47
N TYR A 47 -25.45 7.87 7.45
CA TYR A 47 -24.96 9.24 7.53
C TYR A 47 -23.59 9.25 8.21
N GLU A 48 -22.79 10.24 7.84
CA GLU A 48 -21.48 10.45 8.41
C GLU A 48 -21.42 11.91 8.85
N TYR A 49 -20.67 12.17 9.93
CA TYR A 49 -20.46 13.54 10.37
C TYR A 49 -19.08 13.97 9.89
N TYR A 50 -18.97 15.20 9.41
CA TYR A 50 -17.72 15.72 8.91
C TYR A 50 -17.60 17.22 9.19
N VAL A 51 -16.39 17.72 9.19
CA VAL A 51 -16.14 19.14 9.29
C VAL A 51 -15.21 19.54 8.13
N ASP A 52 -15.16 20.84 7.80
CA ASP A 52 -14.23 21.33 6.79
C ASP A 52 -12.81 21.54 7.35
N ASP A 53 -12.65 21.54 8.68
CA ASP A 53 -11.36 21.74 9.33
C ASP A 53 -10.40 20.60 9.07
N PRO A 54 -9.08 20.91 9.05
CA PRO A 54 -8.09 19.82 8.99
C PRO A 54 -8.06 19.06 10.33
N PRO A 55 -7.51 17.82 10.34
CA PRO A 55 -7.52 17.03 11.58
C PRO A 55 -6.81 17.65 12.78
N ARG A 56 -5.73 18.42 12.59
CA ARG A 56 -5.04 19.04 13.73
C ARG A 56 -5.99 19.94 14.53
N ILE A 57 -6.87 20.68 13.85
CA ILE A 57 -7.89 21.55 14.48
C ILE A 57 -8.90 20.72 15.27
N VAL A 58 -9.36 19.60 14.68
CA VAL A 58 -10.30 18.70 15.35
C VAL A 58 -9.67 18.06 16.59
N LEU A 59 -8.40 17.63 16.49
CA LEU A 59 -7.67 17.04 17.62
C LEU A 59 -7.59 18.02 18.79
N ASP A 60 -7.32 19.30 18.51
CA ASP A 60 -7.24 20.32 19.56
C ASP A 60 -8.61 20.53 20.22
N LYS A 61 -9.71 20.50 19.43
CA LYS A 61 -11.05 20.65 20.01
C LYS A 61 -11.41 19.43 20.88
N LEU A 62 -11.05 18.22 20.42
CA LEU A 62 -11.33 17.00 21.17
C LEU A 62 -10.51 16.91 22.45
N GLU A 63 -9.29 17.49 22.46
CA GLU A 63 -8.42 17.53 23.64
C GLU A 63 -9.13 18.33 24.75
N ARG A 64 -9.75 19.45 24.38
CA ARG A 64 -10.48 20.29 25.33
C ARG A 64 -11.72 19.57 25.90
N ARG A 65 -12.22 18.53 25.20
CA ARG A 65 -13.34 17.72 25.65
C ARG A 65 -12.90 16.44 26.40
N GLY A 66 -11.62 16.33 26.74
CA GLY A 66 -11.11 15.19 27.50
C GLY A 66 -10.60 14.00 26.69
N PHE A 67 -10.52 14.14 25.35
CA PHE A 67 -10.03 13.03 24.52
C PHE A 67 -8.53 13.11 24.28
N ARG A 68 -7.89 11.94 24.17
CA ARG A 68 -6.47 11.87 23.89
C ARG A 68 -6.24 10.89 22.74
N VAL A 69 -5.31 11.21 21.82
CA VAL A 69 -4.97 10.32 20.72
C VAL A 69 -4.23 9.13 21.29
N LEU A 70 -4.73 7.94 21.01
CA LEU A 70 -4.08 6.71 21.40
C LEU A 70 -3.22 6.20 20.26
N SER A 71 -3.72 6.33 19.02
CA SER A 71 -3.04 5.80 17.86
C SER A 71 -3.46 6.53 16.60
N MET A 72 -2.55 6.55 15.62
CA MET A 72 -2.79 7.15 14.31
C MET A 72 -2.26 6.14 13.28
N THR A 73 -3.00 5.88 12.19
CA THR A 73 -2.54 4.95 11.18
C THR A 73 -2.96 5.35 9.78
N GLY A 74 -2.29 4.81 8.78
CA GLY A 74 -2.66 5.03 7.40
C GLY A 74 -3.32 3.78 6.85
N VAL A 75 -4.28 3.95 5.94
CA VAL A 75 -4.89 2.84 5.23
C VAL A 75 -5.34 3.43 3.87
N GLY A 76 -4.92 2.84 2.75
CA GLY A 76 -5.22 3.39 1.42
C GLY A 76 -4.55 4.74 1.29
N GLN A 77 -5.33 5.84 1.13
CA GLN A 77 -4.77 7.20 1.16
C GLN A 77 -5.38 8.01 2.32
N THR A 78 -5.85 7.31 3.38
CA THR A 78 -6.52 7.90 4.52
C THR A 78 -5.68 7.79 5.79
N LEU A 79 -5.70 8.83 6.60
CA LEU A 79 -5.05 8.85 7.92
C LEU A 79 -6.19 8.75 8.92
N VAL A 80 -6.10 7.85 9.88
CA VAL A 80 -7.15 7.64 10.88
C VAL A 80 -6.53 7.86 12.26
N TRP A 81 -7.26 8.53 13.17
CA TRP A 81 -6.82 8.74 14.54
C TRP A 81 -7.85 8.04 15.44
N CYS A 82 -7.36 7.29 16.42
CA CYS A 82 -8.21 6.63 17.40
C CYS A 82 -8.00 7.38 18.73
N LEU A 83 -9.07 7.96 19.26
CA LEU A 83 -8.98 8.74 20.49
C LEU A 83 -9.78 8.10 21.62
N HIS A 84 -9.36 8.35 22.87
CA HIS A 84 -10.01 7.80 24.04
C HIS A 84 -10.25 8.91 25.06
N LYS A 85 -11.43 8.94 25.66
CA LYS A 85 -11.77 9.92 26.68
C LYS A 85 -11.19 9.39 27.97
N GLU A 86 -10.28 10.16 28.58
CA GLU A 86 -9.59 9.77 29.82
C GLU A 86 -8.94 10.97 30.47
N PRO B 4 -5.78 -12.37 27.68
CA PRO B 4 -5.70 -10.93 27.88
C PRO B 4 -5.64 -10.13 26.57
N TYR B 5 -5.27 -10.72 25.42
CA TYR B 5 -5.22 -9.94 24.16
C TYR B 5 -6.38 -10.20 23.22
N LEU B 6 -6.83 -9.15 22.53
CA LEU B 6 -7.88 -9.29 21.50
C LEU B 6 -7.44 -8.58 20.21
N LEU B 7 -7.85 -9.11 19.07
CA LEU B 7 -7.62 -8.47 17.78
C LEU B 7 -8.96 -8.33 17.12
N ILE B 8 -9.33 -7.10 16.74
CA ILE B 8 -10.57 -6.86 16.02
C ILE B 8 -10.25 -6.11 14.72
N SER B 9 -11.14 -6.18 13.71
CA SER B 9 -10.86 -5.50 12.46
C SER B 9 -12.11 -5.13 11.67
N THR B 10 -11.98 -4.17 10.79
CA THR B 10 -13.02 -3.85 9.83
C THR B 10 -12.34 -3.37 8.56
N GLN B 11 -13.00 -3.54 7.43
CA GLN B 11 -12.46 -2.96 6.21
C GLN B 11 -13.04 -1.57 6.08
N ILE B 12 -12.39 -0.69 5.31
CA ILE B 12 -12.94 0.65 5.08
C ILE B 12 -14.32 0.51 4.35
N ARG B 13 -15.33 1.30 4.73
CA ARG B 13 -15.32 2.44 5.63
C ARG B 13 -15.25 2.05 7.11
N MET B 14 -14.49 2.80 7.91
CA MET B 14 -14.37 2.52 9.35
C MET B 14 -15.69 2.75 10.11
N GLU B 15 -16.60 3.55 9.56
CA GLU B 15 -17.87 3.89 10.22
C GLU B 15 -18.95 2.82 10.10
N VAL B 16 -18.72 1.76 9.35
CA VAL B 16 -19.71 0.73 9.16
C VAL B 16 -19.13 -0.67 9.36
N GLY B 17 -19.95 -1.59 9.83
CA GLY B 17 -19.56 -2.96 10.01
C GLY B 17 -19.49 -3.70 8.67
N PRO B 18 -19.29 -5.04 8.68
CA PRO B 18 -19.10 -5.90 9.84
C PRO B 18 -17.71 -5.70 10.47
N THR B 19 -17.61 -6.06 11.75
CA THR B 19 -16.36 -6.02 12.48
C THR B 19 -16.01 -7.46 12.85
N MET B 20 -14.79 -7.92 12.49
CA MET B 20 -14.32 -9.27 12.86
C MET B 20 -13.89 -9.15 14.30
N VAL B 21 -14.42 -10.01 15.17
CA VAL B 21 -14.11 -9.91 16.60
C VAL B 21 -13.46 -11.16 17.17
N GLY B 22 -13.21 -12.19 16.34
CA GLY B 22 -12.56 -13.39 16.85
C GLY B 22 -12.26 -14.48 15.87
N ASP B 23 -11.33 -15.35 16.27
CA ASP B 23 -10.92 -16.54 15.52
C ASP B 23 -11.62 -17.76 16.14
N GLU B 24 -11.44 -18.96 15.57
CA GLU B 24 -12.06 -20.19 16.02
C GLU B 24 -11.85 -20.51 17.51
N GLN B 25 -10.71 -20.12 18.07
CA GLN B 25 -10.39 -20.43 19.47
C GLN B 25 -10.72 -19.29 20.43
N SER B 26 -11.50 -18.27 20.00
CA SER B 26 -11.86 -17.14 20.85
C SER B 26 -12.76 -17.57 22.00
N ASP B 27 -12.76 -16.78 23.08
CA ASP B 27 -13.58 -16.98 24.27
C ASP B 27 -15.07 -16.96 23.85
N PRO B 28 -15.76 -18.12 23.93
CA PRO B 28 -17.16 -18.17 23.47
C PRO B 28 -18.09 -17.24 24.24
N GLU B 29 -17.81 -17.03 25.52
CA GLU B 29 -18.61 -16.18 26.39
C GLU B 29 -18.48 -14.72 25.95
N LEU B 30 -17.26 -14.26 25.66
CA LEU B 30 -17.01 -12.89 25.19
C LEU B 30 -17.67 -12.68 23.83
N MET B 31 -17.56 -13.68 22.93
CA MET B 31 -18.17 -13.60 21.60
C MET B 31 -19.69 -13.50 21.73
N GLN B 32 -20.29 -14.24 22.68
CA GLN B 32 -21.73 -14.20 22.95
C GLN B 32 -22.14 -12.84 23.52
N HIS B 33 -21.33 -12.31 24.42
CA HIS B 33 -21.56 -10.99 25.01
C HIS B 33 -21.60 -9.89 23.94
N LEU B 34 -20.73 -9.98 22.92
CA LEU B 34 -20.70 -8.99 21.84
C LEU B 34 -21.86 -9.16 20.83
N GLY B 35 -22.61 -10.25 20.94
CA GLY B 35 -23.68 -10.57 20.00
C GLY B 35 -23.12 -11.08 18.69
N ALA B 36 -21.92 -11.71 18.74
CA ALA B 36 -21.26 -12.18 17.53
C ALA B 36 -21.84 -13.45 16.95
N SER B 37 -21.78 -13.56 15.63
CA SER B 37 -22.20 -14.75 14.91
C SER B 37 -20.94 -15.44 14.37
N LYS B 38 -21.08 -16.70 13.95
CA LYS B 38 -20.00 -17.42 13.30
C LYS B 38 -20.27 -17.45 11.80
N ARG B 39 -19.22 -17.40 11.01
CA ARG B 39 -19.29 -17.53 9.56
C ARG B 39 -17.99 -18.13 9.07
N ARG B 40 -17.98 -18.64 7.85
CA ARG B 40 -16.77 -19.18 7.27
C ARG B 40 -16.59 -18.60 5.90
N ALA B 41 -15.43 -17.98 5.63
CA ALA B 41 -15.16 -17.47 4.29
C ALA B 41 -14.98 -18.68 3.37
N LEU B 42 -15.36 -18.53 2.12
CA LEU B 42 -15.32 -19.59 1.12
C LEU B 42 -14.02 -20.46 1.07
N GLY B 43 -12.84 -19.87 1.09
CA GLY B 43 -11.61 -20.65 1.03
C GLY B 43 -11.00 -21.01 2.36
N ASN B 44 -11.69 -20.71 3.47
CA ASN B 44 -11.14 -20.96 4.79
C ASN B 44 -11.64 -22.26 5.38
N ASN B 45 -10.79 -22.98 6.15
CA ASN B 45 -11.27 -24.18 6.83
C ASN B 45 -11.63 -23.88 8.32
N PHE B 46 -11.52 -22.61 8.73
CA PHE B 46 -11.78 -22.15 10.08
C PHE B 46 -12.94 -21.18 10.10
N TYR B 47 -13.64 -21.14 11.25
CA TYR B 47 -14.73 -20.21 11.48
C TYR B 47 -14.16 -18.91 12.05
N GLU B 48 -14.90 -17.82 11.84
CA GLU B 48 -14.52 -16.51 12.37
C GLU B 48 -15.74 -15.92 13.06
N TYR B 49 -15.54 -15.05 14.05
CA TYR B 49 -16.68 -14.41 14.73
C TYR B 49 -16.77 -12.98 14.24
N TYR B 50 -17.98 -12.50 14.00
CA TYR B 50 -18.19 -11.16 13.50
C TYR B 50 -19.45 -10.55 14.08
N VAL B 51 -19.54 -9.23 14.07
CA VAL B 51 -20.72 -8.49 14.47
C VAL B 51 -21.07 -7.50 13.34
N ASP B 52 -22.33 -7.08 13.26
CA ASP B 52 -22.73 -6.08 12.26
C ASP B 52 -22.36 -4.65 12.66
N ASP B 53 -22.01 -4.43 13.93
CA ASP B 53 -21.66 -3.13 14.44
C ASP B 53 -20.38 -2.59 13.86
N PRO B 54 -20.26 -1.25 13.74
CA PRO B 54 -18.97 -0.68 13.37
C PRO B 54 -17.97 -0.83 14.54
N PRO B 55 -16.66 -0.73 14.26
CA PRO B 55 -15.67 -0.93 15.33
C PRO B 55 -15.76 0.00 16.54
N ARG B 56 -16.19 1.26 16.38
CA ARG B 56 -16.31 2.16 17.55
C ARG B 56 -17.26 1.58 18.61
N ILE B 57 -18.35 0.94 18.17
CA ILE B 57 -19.33 0.31 19.07
C ILE B 57 -18.72 -0.90 19.78
N VAL B 58 -17.94 -1.71 19.04
CA VAL B 58 -17.26 -2.87 19.62
C VAL B 58 -16.22 -2.42 20.66
N LEU B 59 -15.45 -1.37 20.34
CA LEU B 59 -14.43 -0.82 21.25
C LEU B 59 -15.08 -0.41 22.58
N ASP B 60 -16.23 0.26 22.52
CA ASP B 60 -16.94 0.68 23.74
C ASP B 60 -17.41 -0.53 24.55
N LYS B 61 -17.93 -1.58 23.90
CA LYS B 61 -18.34 -2.80 24.62
C LYS B 61 -17.15 -3.49 25.28
N LEU B 62 -16.01 -3.50 24.59
CA LEU B 62 -14.80 -4.12 25.13
C LEU B 62 -14.20 -3.31 26.29
N GLU B 63 -14.32 -1.96 26.29
CA GLU B 63 -13.84 -1.16 27.44
C GLU B 63 -14.65 -1.57 28.70
N ARG B 64 -15.95 -1.81 28.57
CA ARG B 64 -16.77 -2.26 29.69
C ARG B 64 -16.35 -3.63 30.24
N ARG B 65 -15.68 -4.43 29.41
CA ARG B 65 -15.14 -5.71 29.83
C ARG B 65 -13.67 -5.59 30.32
N GLY B 66 -13.14 -4.37 30.45
CA GLY B 66 -11.79 -4.15 30.95
C GLY B 66 -10.69 -4.10 29.90
N PHE B 67 -11.05 -4.05 28.61
CA PHE B 67 -10.04 -4.00 27.54
C PHE B 67 -9.66 -2.56 27.17
N ARG B 68 -8.41 -2.37 26.78
CA ARG B 68 -7.92 -1.06 26.35
C ARG B 68 -7.20 -1.22 25.01
N VAL B 69 -7.39 -0.28 24.08
CA VAL B 69 -6.69 -0.29 22.80
C VAL B 69 -5.22 0.02 23.05
N LEU B 70 -4.32 -0.86 22.66
CA LEU B 70 -2.88 -0.59 22.74
C LEU B 70 -2.36 -0.09 21.40
N SER B 71 -2.95 -0.57 20.28
CA SER B 71 -2.47 -0.18 18.97
C SER B 71 -3.54 -0.34 17.91
N MET B 72 -3.44 0.46 16.85
CA MET B 72 -4.35 0.40 15.73
C MET B 72 -3.45 0.50 14.49
N THR B 73 -3.74 -0.26 13.43
CA THR B 73 -2.94 -0.19 12.20
C THR B 73 -3.78 -0.48 10.97
N GLY B 74 -3.25 -0.12 9.80
CA GLY B 74 -3.90 -0.46 8.54
C GLY B 74 -3.08 -1.52 7.83
N VAL B 75 -3.73 -2.40 7.08
CA VAL B 75 -3.04 -3.40 6.25
C VAL B 75 -4.02 -3.70 5.11
N GLY B 76 -3.57 -3.56 3.85
CA GLY B 76 -4.49 -3.72 2.72
C GLY B 76 -5.56 -2.64 2.76
N GLN B 77 -6.84 -3.05 2.87
CA GLN B 77 -7.93 -2.08 3.07
C GLN B 77 -8.62 -2.36 4.44
N THR B 78 -7.88 -2.94 5.39
CA THR B 78 -8.39 -3.31 6.71
C THR B 78 -7.75 -2.46 7.81
N LEU B 79 -8.54 -2.09 8.81
CA LEU B 79 -8.08 -1.41 10.01
C LEU B 79 -8.13 -2.47 11.10
N VAL B 80 -7.06 -2.62 11.87
CA VAL B 80 -6.99 -3.63 12.93
C VAL B 80 -6.72 -2.93 14.26
N TRP B 81 -7.38 -3.37 15.33
CA TRP B 81 -7.13 -2.85 16.67
C TRP B 81 -6.63 -4.00 17.54
N CYS B 82 -5.62 -3.72 18.36
CA CYS B 82 -5.06 -4.71 19.26
C CYS B 82 -5.42 -4.20 20.67
N LEU B 83 -6.21 -4.98 21.42
CA LEU B 83 -6.64 -4.60 22.76
C LEU B 83 -6.04 -5.54 23.80
N HIS B 84 -5.85 -5.04 25.01
CA HIS B 84 -5.31 -5.81 26.10
C HIS B 84 -6.20 -5.56 27.35
N LYS B 85 -6.46 -6.62 28.14
CA LYS B 85 -7.29 -6.48 29.33
C LYS B 85 -6.45 -6.00 30.47
N GLU B 86 -6.72 -4.77 30.93
CA GLU B 86 -6.00 -4.13 32.03
C GLU B 86 -7.01 -3.68 33.11
N SER C 1 19.51 -15.50 26.86
CA SER C 1 18.14 -15.73 27.34
C SER C 1 17.36 -14.44 27.54
N HIS C 2 18.06 -13.32 27.78
CA HIS C 2 17.36 -12.05 27.97
C HIS C 2 16.96 -11.52 26.62
N MET C 3 15.66 -11.36 26.41
CA MET C 3 15.15 -10.82 25.17
C MET C 3 14.32 -9.60 25.50
N PRO C 4 14.92 -8.40 25.62
CA PRO C 4 14.12 -7.21 25.93
C PRO C 4 13.01 -6.97 24.89
N TYR C 5 13.32 -7.11 23.59
CA TYR C 5 12.32 -6.87 22.52
C TYR C 5 12.02 -8.12 21.73
N LEU C 6 10.79 -8.25 21.29
CA LEU C 6 10.39 -9.37 20.42
C LEU C 6 9.63 -8.80 19.23
N LEU C 7 9.76 -9.44 18.09
CA LEU C 7 8.98 -9.10 16.90
C LEU C 7 8.29 -10.37 16.47
N ILE C 8 6.96 -10.32 16.33
CA ILE C 8 6.21 -11.45 15.82
C ILE C 8 5.39 -10.97 14.62
N SER C 9 5.00 -11.88 13.72
CA SER C 9 4.24 -11.47 12.55
C SER C 9 3.37 -12.57 11.99
N THR C 10 2.36 -12.18 11.24
CA THR C 10 1.57 -13.11 10.47
C THR C 10 1.11 -12.37 9.22
N GLN C 11 0.85 -13.12 8.14
CA GLN C 11 0.22 -12.50 6.99
C GLN C 11 -1.28 -12.59 7.17
N ILE C 12 -2.05 -11.70 6.52
CA ILE C 12 -3.51 -11.78 6.58
C ILE C 12 -3.96 -13.14 5.95
N ARG C 13 -4.94 -13.82 6.54
CA ARG C 13 -5.82 -13.39 7.63
C ARG C 13 -5.15 -13.39 9.01
N MET C 14 -5.46 -12.38 9.82
CA MET C 14 -4.88 -12.30 11.16
C MET C 14 -5.39 -13.42 12.10
N GLU C 15 -6.53 -14.03 11.79
CA GLU C 15 -7.14 -15.06 12.62
C GLU C 15 -6.54 -16.46 12.46
N VAL C 16 -5.59 -16.62 11.53
CA VAL C 16 -4.98 -17.91 11.33
C VAL C 16 -3.45 -17.78 11.25
N GLY C 17 -2.77 -18.82 11.67
CA GLY C 17 -1.33 -18.88 11.57
C GLY C 17 -0.87 -19.14 10.14
N PRO C 18 0.42 -19.44 9.93
CA PRO C 18 1.49 -19.49 10.93
C PRO C 18 1.86 -18.07 11.43
N THR C 19 2.46 -18.03 12.61
CA THR C 19 2.93 -16.79 13.18
C THR C 19 4.44 -16.94 13.30
N MET C 20 5.21 -15.99 12.74
CA MET C 20 6.66 -15.96 12.86
C MET C 20 6.94 -15.42 14.26
N VAL C 21 7.69 -16.15 15.07
CA VAL C 21 7.94 -15.74 16.45
C VAL C 21 9.43 -15.54 16.80
N GLY C 22 10.33 -15.69 15.83
CA GLY C 22 11.74 -15.46 16.10
C GLY C 22 12.69 -15.58 14.93
N ASP C 23 13.88 -15.04 15.13
CA ASP C 23 14.98 -15.12 14.19
C ASP C 23 16.01 -16.13 14.77
N GLU C 24 17.10 -16.42 14.05
CA GLU C 24 18.13 -17.36 14.51
C GLU C 24 18.74 -17.06 15.86
N GLN C 25 18.80 -15.77 16.24
CA GLN C 25 19.41 -15.42 17.51
C GLN C 25 18.38 -15.34 18.65
N SER C 26 17.13 -15.79 18.45
CA SER C 26 16.14 -15.77 19.52
C SER C 26 16.46 -16.80 20.62
N ASP C 27 15.97 -16.55 21.85
CA ASP C 27 16.21 -17.47 22.98
C ASP C 27 15.54 -18.82 22.69
N PRO C 28 16.33 -19.91 22.65
CA PRO C 28 15.72 -21.21 22.34
C PRO C 28 14.69 -21.69 23.36
N GLU C 29 14.85 -21.29 24.62
CA GLU C 29 13.93 -21.67 25.66
C GLU C 29 12.56 -21.03 25.48
N LEU C 30 12.53 -19.73 25.13
CA LEU C 30 11.27 -19.04 24.88
C LEU C 30 10.60 -19.64 23.62
N MET C 31 11.39 -19.95 22.58
CA MET C 31 10.88 -20.56 21.36
C MET C 31 10.26 -21.93 21.65
N GLN C 32 10.91 -22.72 22.51
CA GLN C 32 10.43 -24.03 22.94
C GLN C 32 9.13 -23.86 23.73
N HIS C 33 9.07 -22.86 24.61
CA HIS C 33 7.88 -22.58 25.42
C HIS C 33 6.66 -22.27 24.50
N LEU C 34 6.89 -21.57 23.40
CA LEU C 34 5.82 -21.25 22.45
C LEU C 34 5.42 -22.46 21.57
N GLY C 35 6.17 -23.55 21.63
CA GLY C 35 5.95 -24.73 20.79
C GLY C 35 6.41 -24.47 19.35
N ALA C 36 7.40 -23.57 19.17
CA ALA C 36 7.88 -23.19 17.85
C ALA C 36 8.81 -24.19 17.20
N SER C 37 8.79 -24.21 15.87
CA SER C 37 9.71 -25.04 15.09
C SER C 37 10.52 -24.10 14.18
N LYS C 38 11.58 -24.62 13.57
CA LYS C 38 12.39 -23.84 12.64
C LYS C 38 11.96 -24.17 11.22
N ARG C 39 12.02 -23.17 10.36
CA ARG C 39 11.77 -23.35 8.95
C ARG C 39 12.60 -22.35 8.16
N ARG C 40 12.85 -22.67 6.89
CA ARG C 40 13.63 -21.82 6.05
C ARG C 40 12.83 -21.52 4.82
N ALA C 41 12.60 -20.22 4.52
CA ALA C 41 11.92 -19.87 3.29
C ALA C 41 12.97 -20.01 2.20
N LEU C 42 12.53 -20.42 1.02
CA LEU C 42 13.38 -20.66 -0.12
C LEU C 42 14.41 -19.55 -0.41
N GLY C 43 14.02 -18.28 -0.35
CA GLY C 43 14.94 -17.19 -0.68
C GLY C 43 15.87 -16.71 0.41
N ASN C 44 15.71 -17.22 1.62
CA ASN C 44 16.51 -16.81 2.77
C ASN C 44 17.59 -17.84 3.10
N ASN C 45 18.79 -17.38 3.48
CA ASN C 45 19.83 -18.31 3.94
C ASN C 45 19.78 -18.52 5.48
N PHE C 46 18.76 -17.97 6.14
CA PHE C 46 18.54 -18.05 7.56
C PHE C 46 17.22 -18.76 7.86
N TYR C 47 17.14 -19.36 9.05
CA TYR C 47 15.91 -19.97 9.49
C TYR C 47 15.13 -18.97 10.35
N GLU C 48 13.85 -19.24 10.51
CA GLU C 48 12.98 -18.45 11.38
C GLU C 48 12.29 -19.44 12.33
N TYR C 49 11.80 -18.94 13.44
CA TYR C 49 11.00 -19.76 14.37
C TYR C 49 9.54 -19.42 14.06
N TYR C 50 8.69 -20.44 13.99
CA TYR C 50 7.27 -20.21 13.69
C TYR C 50 6.41 -21.13 14.52
N VAL C 51 5.15 -20.78 14.64
CA VAL C 51 4.14 -21.63 15.28
C VAL C 51 2.93 -21.68 14.35
N ASP C 52 2.12 -22.73 14.45
CA ASP C 52 0.89 -22.81 13.68
C ASP C 52 -0.26 -21.95 14.26
N ASP C 53 -0.12 -21.50 15.50
CA ASP C 53 -1.12 -20.70 16.18
C ASP C 53 -1.29 -19.33 15.55
N PRO C 54 -2.52 -18.78 15.61
CA PRO C 54 -2.72 -17.39 15.19
C PRO C 54 -2.05 -16.44 16.21
N PRO C 55 -1.78 -15.18 15.80
CA PRO C 55 -1.09 -14.25 16.70
C PRO C 55 -1.77 -13.95 18.04
N ARG C 56 -3.12 -13.96 18.13
CA ARG C 56 -3.77 -13.72 19.44
C ARG C 56 -3.31 -14.72 20.50
N ILE C 57 -3.17 -16.00 20.11
CA ILE C 57 -2.72 -17.09 20.99
C ILE C 57 -1.29 -16.83 21.43
N VAL C 58 -0.42 -16.42 20.49
CA VAL C 58 0.98 -16.13 20.79
C VAL C 58 1.08 -14.95 21.74
N LEU C 59 0.31 -13.88 21.51
CA LEU C 59 0.30 -12.69 22.38
C LEU C 59 -0.06 -13.07 23.82
N ASP C 60 -1.05 -13.94 24.00
CA ASP C 60 -1.45 -14.38 25.34
C ASP C 60 -0.33 -15.17 26.01
N LYS C 61 0.37 -16.03 25.26
CA LYS C 61 1.49 -16.80 25.83
C LYS C 61 2.62 -15.86 26.23
N LEU C 62 2.91 -14.85 25.41
CA LEU C 62 3.97 -13.89 25.69
C LEU C 62 3.64 -12.98 26.86
N GLU C 63 2.35 -12.66 27.06
CA GLU C 63 1.89 -11.87 28.19
C GLU C 63 2.21 -12.60 29.51
N ARG C 64 1.99 -13.93 29.54
CA ARG C 64 2.32 -14.74 30.72
C ARG C 64 3.84 -14.79 30.98
N ARG C 65 4.66 -14.51 29.96
CA ARG C 65 6.11 -14.46 30.11
C ARG C 65 6.65 -13.03 30.38
N GLY C 66 5.75 -12.07 30.68
CA GLY C 66 6.17 -10.72 30.98
C GLY C 66 6.28 -9.74 29.82
N PHE C 67 5.83 -10.14 28.62
CA PHE C 67 5.90 -9.23 27.47
C PHE C 67 4.64 -8.40 27.30
N ARG C 68 4.80 -7.20 26.75
CA ARG C 68 3.68 -6.32 26.48
C ARG C 68 3.80 -5.76 25.07
N VAL C 69 2.69 -5.71 24.33
CA VAL C 69 2.70 -5.11 23.00
C VAL C 69 2.91 -3.60 23.14
N LEU C 70 3.94 -3.07 22.50
CA LEU C 70 4.18 -1.63 22.46
C LEU C 70 3.63 -1.06 21.16
N SER C 71 3.66 -1.85 20.06
CA SER C 71 3.17 -1.35 18.80
C SER C 71 2.80 -2.49 17.85
N MET C 72 1.85 -2.22 16.95
CA MET C 72 1.45 -3.17 15.93
C MET C 72 1.44 -2.38 14.61
N THR C 73 1.87 -2.98 13.50
CA THR C 73 1.79 -2.30 12.21
C THR C 73 1.54 -3.26 11.06
N GLY C 74 1.06 -2.74 9.96
CA GLY C 74 0.94 -3.50 8.73
C GLY C 74 2.05 -3.07 7.78
N VAL C 75 2.54 -4.01 6.96
CA VAL C 75 3.49 -3.70 5.91
C VAL C 75 3.24 -4.77 4.84
N GLY C 76 2.99 -4.37 3.61
CA GLY C 76 2.64 -5.33 2.54
C GLY C 76 1.33 -6.02 2.90
N GLN C 77 1.36 -7.35 3.09
CA GLN C 77 0.17 -8.07 3.58
C GLN C 77 0.49 -8.74 4.94
N THR C 78 1.46 -8.20 5.68
CA THR C 78 1.90 -8.71 6.96
C THR C 78 1.50 -7.78 8.11
N LEU C 79 1.10 -8.37 9.25
CA LEU C 79 0.86 -7.65 10.48
C LEU C 79 2.04 -7.99 11.39
N VAL C 80 2.65 -7.00 12.02
CA VAL C 80 3.83 -7.19 12.87
C VAL C 80 3.49 -6.62 14.25
N TRP C 81 3.90 -7.30 15.31
CA TRP C 81 3.73 -6.81 16.68
C TRP C 81 5.13 -6.67 17.29
N CYS C 82 5.36 -5.57 18.00
CA CYS C 82 6.63 -5.30 18.66
C CYS C 82 6.33 -5.37 20.16
N LEU C 83 6.90 -6.34 20.86
CA LEU C 83 6.68 -6.52 22.28
C LEU C 83 7.95 -6.22 23.09
N HIS C 84 7.77 -5.79 24.33
CA HIS C 84 8.89 -5.47 25.22
C HIS C 84 8.65 -6.17 26.54
N LYS C 85 9.72 -6.73 27.14
CA LYS C 85 9.65 -7.42 28.42
C LYS C 85 9.56 -6.38 29.52
N GLU C 86 8.37 -6.22 30.09
CA GLU C 86 8.08 -5.27 31.15
C GLU C 86 6.82 -5.69 31.92
N PRO D 4 16.26 13.63 21.87
CA PRO D 4 16.54 12.26 22.28
C PRO D 4 15.62 11.28 21.54
N TYR D 5 15.28 11.57 20.29
CA TYR D 5 14.48 10.65 19.46
C TYR D 5 15.39 9.93 18.49
N LEU D 6 15.01 8.70 18.11
CA LEU D 6 15.76 7.91 17.13
C LEU D 6 14.80 7.30 16.14
N LEU D 7 15.26 7.13 14.92
CA LEU D 7 14.48 6.43 13.89
C LEU D 7 15.38 5.35 13.32
N ILE D 8 14.92 4.11 13.34
CA ILE D 8 15.64 3.01 12.73
C ILE D 8 14.70 2.30 11.75
N SER D 9 15.25 1.56 10.77
CA SER D 9 14.40 0.90 9.80
C SER D 9 15.06 -0.32 9.20
N THR D 10 14.25 -1.20 8.66
CA THR D 10 14.70 -2.32 7.85
C THR D 10 13.63 -2.60 6.81
N GLN D 11 14.02 -3.15 5.67
CA GLN D 11 13.02 -3.60 4.72
C GLN D 11 12.67 -5.03 5.09
N ILE D 12 11.49 -5.50 4.69
CA ILE D 12 11.14 -6.91 4.89
C ILE D 12 12.19 -7.81 4.15
N ARG D 13 12.65 -8.90 4.75
CA ARG D 13 12.19 -9.52 5.98
C ARG D 13 12.65 -8.81 7.25
N MET D 14 11.78 -8.74 8.26
CA MET D 14 12.14 -8.09 9.52
C MET D 14 13.22 -8.86 10.32
N GLU D 15 13.41 -10.16 10.03
CA GLU D 15 14.36 -10.99 10.75
C GLU D 15 15.81 -10.85 10.29
N VAL D 16 16.06 -10.07 9.24
CA VAL D 16 17.41 -9.94 8.73
C VAL D 16 17.72 -8.45 8.49
N GLY D 17 19.00 -8.12 8.61
CA GLY D 17 19.46 -6.79 8.33
C GLY D 17 19.57 -6.54 6.82
N PRO D 18 20.17 -5.43 6.41
CA PRO D 18 20.73 -4.37 7.25
C PRO D 18 19.62 -3.54 7.93
N THR D 19 20.00 -2.90 9.04
CA THR D 19 19.12 -1.98 9.73
C THR D 19 19.75 -0.62 9.59
N MET D 20 18.96 0.37 9.11
CA MET D 20 19.40 1.76 9.01
C MET D 20 19.26 2.33 10.39
N VAL D 21 20.32 2.91 10.93
CA VAL D 21 20.30 3.38 12.31
C VAL D 21 20.61 4.87 12.48
N GLY D 22 20.87 5.59 11.39
CA GLY D 22 21.14 7.01 11.51
C GLY D 22 21.31 7.77 10.21
N ASP D 23 21.11 9.07 10.30
CA ASP D 23 21.31 10.02 9.21
C ASP D 23 22.72 10.67 9.42
N GLU D 24 23.12 11.53 8.51
CA GLU D 24 24.40 12.22 8.53
C GLU D 24 24.72 12.93 9.84
N GLN D 25 23.71 13.48 10.51
CA GLN D 25 23.93 14.25 11.75
C GLN D 25 23.72 13.46 13.02
N SER D 26 23.64 12.11 12.92
CA SER D 26 23.43 11.26 14.09
C SER D 26 24.60 11.31 15.07
N ASP D 27 24.33 11.01 16.33
CA ASP D 27 25.28 11.01 17.43
C ASP D 27 26.39 9.99 17.12
N PRO D 28 27.62 10.44 16.85
CA PRO D 28 28.69 9.49 16.48
C PRO D 28 28.99 8.45 17.55
N GLU D 29 28.84 8.81 18.82
CA GLU D 29 29.08 7.90 19.92
C GLU D 29 28.06 6.76 19.92
N LEU D 30 26.78 7.10 19.71
CA LEU D 30 25.71 6.12 19.67
C LEU D 30 25.89 5.21 18.45
N MET D 31 26.30 5.78 17.30
CA MET D 31 26.55 5.01 16.07
C MET D 31 27.68 4.02 16.28
N GLN D 32 28.72 4.45 16.98
CA GLN D 32 29.87 3.63 17.30
C GLN D 32 29.47 2.51 18.27
N HIS D 33 28.63 2.82 19.24
CA HIS D 33 28.13 1.84 20.19
C HIS D 33 27.31 0.73 19.47
N LEU D 34 26.56 1.10 18.44
CA LEU D 34 25.80 0.11 17.65
C LEU D 34 26.68 -0.72 16.68
N GLY D 35 27.93 -0.34 16.51
CA GLY D 35 28.85 -0.97 15.56
C GLY D 35 28.51 -0.59 14.13
N ALA D 36 27.90 0.60 13.93
CA ALA D 36 27.47 1.03 12.62
C ALA D 36 28.58 1.50 11.69
N SER D 37 28.35 1.28 10.39
CA SER D 37 29.22 1.76 9.32
C SER D 37 28.51 2.93 8.64
N LYS D 38 29.26 3.80 8.00
CA LYS D 38 28.75 4.99 7.35
C LYS D 38 28.96 4.81 5.86
N ARG D 39 27.94 5.09 5.04
CA ARG D 39 28.04 4.97 3.59
C ARG D 39 27.10 5.96 2.90
N ARG D 40 27.34 6.19 1.61
CA ARG D 40 26.48 7.04 0.82
C ARG D 40 25.92 6.17 -0.28
N ALA D 41 24.62 5.91 -0.26
CA ALA D 41 24.00 5.07 -1.28
C ALA D 41 24.04 5.77 -2.65
N LEU D 42 24.00 4.98 -3.73
CA LEU D 42 23.99 5.46 -5.10
C LEU D 42 22.84 6.47 -5.30
N GLY D 43 23.17 7.66 -5.80
CA GLY D 43 22.16 8.67 -6.02
C GLY D 43 21.82 9.57 -4.84
N ASN D 44 22.33 9.26 -3.64
CA ASN D 44 22.08 10.11 -2.48
C ASN D 44 23.22 11.06 -2.24
N ASN D 45 22.92 12.31 -1.85
CA ASN D 45 24.01 13.23 -1.49
C ASN D 45 24.32 13.22 0.03
N PHE D 46 23.62 12.36 0.80
CA PHE D 46 23.77 12.24 2.25
C PHE D 46 24.29 10.86 2.64
N TYR D 47 24.99 10.81 3.76
CA TYR D 47 25.50 9.58 4.33
C TYR D 47 24.45 9.00 5.28
N GLU D 48 24.49 7.70 5.44
CA GLU D 48 23.58 7.00 6.34
C GLU D 48 24.42 6.06 7.18
N TYR D 49 23.94 5.76 8.38
CA TYR D 49 24.59 4.78 9.23
C TYR D 49 23.73 3.51 9.18
N TYR D 50 24.39 2.36 9.11
CA TYR D 50 23.68 1.08 9.05
C TYR D 50 24.49 0.00 9.79
N VAL D 51 23.81 -1.06 10.17
CA VAL D 51 24.44 -2.23 10.76
C VAL D 51 23.93 -3.46 10.00
N ASP D 52 24.68 -4.56 10.02
CA ASP D 52 24.24 -5.81 9.40
C ASP D 52 23.21 -6.56 10.25
N ASP D 53 23.06 -6.20 11.52
CA ASP D 53 22.16 -6.85 12.45
C ASP D 53 20.72 -6.62 12.09
N PRO D 54 19.85 -7.59 12.44
CA PRO D 54 18.41 -7.34 12.28
C PRO D 54 17.93 -6.32 13.33
N PRO D 55 16.75 -5.72 13.11
CA PRO D 55 16.26 -4.68 14.06
C PRO D 55 16.06 -5.12 15.50
N ARG D 56 15.70 -6.38 15.78
CA ARG D 56 15.51 -6.82 17.18
C ARG D 56 16.83 -6.63 17.98
N ILE D 57 17.97 -6.93 17.36
CA ILE D 57 19.29 -6.78 17.98
C ILE D 57 19.58 -5.31 18.24
N VAL D 58 19.25 -4.44 17.29
CA VAL D 58 19.45 -3.00 17.45
C VAL D 58 18.57 -2.44 18.56
N LEU D 59 17.29 -2.86 18.61
CA LEU D 59 16.35 -2.44 19.66
C LEU D 59 16.89 -2.78 21.06
N ASP D 60 17.46 -3.99 21.22
CA ASP D 60 18.02 -4.42 22.51
C ASP D 60 19.21 -3.53 22.89
N LYS D 61 20.07 -3.20 21.92
CA LYS D 61 21.21 -2.32 22.21
C LYS D 61 20.75 -0.91 22.60
N LEU D 62 19.70 -0.41 21.94
CA LEU D 62 19.17 0.92 22.26
C LEU D 62 18.49 0.96 23.64
N GLU D 63 17.86 -0.16 24.04
CA GLU D 63 17.23 -0.30 25.35
C GLU D 63 18.28 -0.10 26.46
N ARG D 64 19.49 -0.65 26.26
CA ARG D 64 20.58 -0.46 27.20
C ARG D 64 21.06 1.00 27.31
N ARG D 65 20.74 1.86 26.33
CA ARG D 65 21.04 3.28 26.40
C ARG D 65 19.83 4.12 26.83
N GLY D 66 18.80 3.51 27.38
CA GLY D 66 17.63 4.22 27.85
C GLY D 66 16.56 4.56 26.82
N PHE D 67 16.63 3.94 25.62
CA PHE D 67 15.60 4.18 24.60
C PHE D 67 14.45 3.18 24.70
N ARG D 68 13.26 3.65 24.36
CA ARG D 68 12.06 2.84 24.36
C ARG D 68 11.31 3.05 23.05
N VAL D 69 10.78 1.97 22.47
CA VAL D 69 9.99 2.08 21.24
C VAL D 69 8.66 2.79 21.60
N LEU D 70 8.36 3.88 20.90
CA LEU D 70 7.07 4.54 21.05
C LEU D 70 6.12 4.07 19.92
N SER D 71 6.67 3.84 18.73
CA SER D 71 5.85 3.49 17.60
C SER D 71 6.63 2.70 16.58
N MET D 72 5.94 1.84 15.85
CA MET D 72 6.50 1.06 14.76
C MET D 72 5.47 1.18 13.61
N THR D 73 5.94 1.42 12.38
CA THR D 73 5.03 1.53 11.26
C THR D 73 5.62 0.95 9.97
N GLY D 74 4.78 0.71 8.99
CA GLY D 74 5.23 0.25 7.70
C GLY D 74 5.01 1.35 6.68
N VAL D 75 5.90 1.47 5.69
CA VAL D 75 5.72 2.39 4.57
C VAL D 75 6.45 1.73 3.39
N GLY D 76 5.77 1.51 2.26
CA GLY D 76 6.37 0.80 1.14
C GLY D 76 6.62 -0.65 1.55
N GLN D 77 7.88 -1.09 1.54
CA GLN D 77 8.24 -2.41 2.07
C GLN D 77 9.22 -2.24 3.27
N THR D 78 9.19 -1.07 3.93
CA THR D 78 10.05 -0.75 5.06
C THR D 78 9.29 -0.72 6.38
N LEU D 79 9.91 -1.25 7.44
CA LEU D 79 9.40 -1.17 8.80
C LEU D 79 10.27 -0.11 9.48
N VAL D 80 9.64 0.85 10.16
CA VAL D 80 10.33 1.94 10.84
C VAL D 80 9.98 1.90 12.31
N TRP D 81 10.96 2.10 13.20
CA TRP D 81 10.71 2.19 14.62
C TRP D 81 11.10 3.61 15.06
N CYS D 82 10.27 4.22 15.90
CA CYS D 82 10.55 5.52 16.49
C CYS D 82 10.79 5.27 17.97
N LEU D 83 12.00 5.60 18.45
CA LEU D 83 12.36 5.40 19.84
C LEU D 83 12.57 6.73 20.53
N HIS D 84 12.36 6.75 21.85
CA HIS D 84 12.54 7.95 22.65
C HIS D 84 13.29 7.60 23.92
N LYS D 85 14.27 8.42 24.28
CA LYS D 85 15.06 8.19 25.47
C LYS D 85 14.19 8.54 26.64
N GLU D 86 13.76 7.52 27.37
CA GLU D 86 12.93 7.71 28.54
C GLU D 86 13.04 6.56 29.51
N SER E 1 -0.98 31.37 16.91
CA SER E 1 -1.04 31.11 18.35
C SER E 1 -0.70 29.65 18.66
N HIS E 2 -0.45 29.34 19.95
CA HIS E 2 -0.08 27.99 20.37
C HIS E 2 -1.13 26.92 20.03
N MET E 3 -0.66 25.76 19.57
CA MET E 3 -1.52 24.62 19.31
C MET E 3 -0.92 23.36 19.92
N PRO E 4 -1.68 22.66 20.76
CA PRO E 4 -1.13 21.49 21.45
C PRO E 4 -0.84 20.29 20.54
N TYR E 5 -1.55 20.12 19.41
CA TYR E 5 -1.22 19.02 18.52
C TYR E 5 -0.42 19.49 17.34
N LEU E 6 0.54 18.67 16.91
CA LEU E 6 1.32 18.95 15.72
C LEU E 6 1.33 17.71 14.83
N LEU E 7 1.39 17.93 13.52
CA LEU E 7 1.57 16.85 12.57
C LEU E 7 2.79 17.22 11.76
N ILE E 8 3.77 16.32 11.68
CA ILE E 8 4.94 16.54 10.85
C ILE E 8 5.06 15.35 9.88
N SER E 9 5.71 15.53 8.73
CA SER E 9 5.83 14.43 7.78
C SER E 9 7.04 14.55 6.90
N THR E 10 7.47 13.44 6.34
CA THR E 10 8.52 13.41 5.33
C THR E 10 8.23 12.24 4.43
N GLN E 11 8.65 12.33 3.18
CA GLN E 11 8.55 11.20 2.30
C GLN E 11 9.83 10.38 2.47
N ILE E 12 9.79 9.10 2.10
CA ILE E 12 11.03 8.29 2.12
C ILE E 12 12.05 8.89 1.11
N ARG E 13 13.34 8.97 1.44
CA ARG E 13 14.00 8.40 2.62
C ARG E 13 13.74 9.15 3.92
N MET E 14 13.56 8.42 5.04
CA MET E 14 13.33 9.07 6.33
C MET E 14 14.56 9.86 6.84
N GLU E 15 15.76 9.54 6.34
CA GLU E 15 16.99 10.17 6.80
C GLU E 15 17.26 11.54 6.21
N VAL E 16 16.43 11.99 5.26
CA VAL E 16 16.66 13.26 4.61
C VAL E 16 15.37 14.06 4.54
N GLY E 17 15.52 15.37 4.56
CA GLY E 17 14.39 16.26 4.42
C GLY E 17 13.90 16.35 2.97
N PRO E 18 12.99 17.27 2.66
CA PRO E 18 12.35 18.21 3.58
C PRO E 18 11.36 17.54 4.52
N THR E 19 11.10 18.18 5.65
CA THR E 19 10.10 17.70 6.60
C THR E 19 9.01 18.77 6.65
N MET E 20 7.73 18.40 6.43
CA MET E 20 6.60 19.32 6.53
C MET E 20 6.36 19.49 8.02
N VAL E 21 6.35 20.72 8.51
CA VAL E 21 6.19 20.97 9.93
C VAL E 21 4.97 21.80 10.30
N GLY E 22 4.16 22.21 9.32
CA GLY E 22 2.99 23.01 9.61
C GLY E 22 2.10 23.37 8.44
N ASP E 23 0.90 23.79 8.78
CA ASP E 23 -0.14 24.20 7.86
C ASP E 23 -0.30 25.73 8.05
N GLU E 24 -1.17 26.36 7.28
CA GLU E 24 -1.41 27.80 7.33
C GLU E 24 -1.76 28.34 8.71
N GLN E 25 -2.44 27.53 9.54
CA GLN E 25 -2.83 27.98 10.87
C GLN E 25 -1.84 27.59 11.98
N SER E 26 -0.62 27.17 11.63
CA SER E 26 0.39 26.79 12.61
C SER E 26 0.95 28.01 13.36
N ASP E 27 1.51 27.79 14.56
CA ASP E 27 2.12 28.82 15.43
C ASP E 27 3.33 29.40 14.66
N PRO E 28 3.23 30.69 14.21
CA PRO E 28 4.31 31.30 13.43
C PRO E 28 5.65 31.38 14.15
N GLU E 29 5.60 31.59 15.47
CA GLU E 29 6.80 31.65 16.30
C GLU E 29 7.46 30.27 16.35
N LEU E 30 6.67 29.20 16.50
CA LEU E 30 7.22 27.84 16.53
C LEU E 30 7.84 27.51 15.15
N MET E 31 7.18 27.91 14.07
CA MET E 31 7.68 27.68 12.71
C MET E 31 9.01 28.39 12.50
N GLN E 32 9.11 29.63 13.00
CA GLN E 32 10.33 30.41 12.94
C GLN E 32 11.44 29.76 13.78
N HIS E 33 11.10 29.24 14.96
CA HIS E 33 12.03 28.54 15.84
C HIS E 33 12.64 27.33 15.13
N LEU E 34 11.83 26.60 14.36
CA LEU E 34 12.29 25.42 13.61
C LEU E 34 13.13 25.79 12.37
N GLY E 35 13.17 27.06 11.98
CA GLY E 35 13.87 27.49 10.79
C GLY E 35 13.05 27.17 9.54
N ALA E 36 11.73 27.10 9.67
CA ALA E 36 10.86 26.75 8.56
C ALA E 36 10.62 27.86 7.55
N SER E 37 10.42 27.46 6.30
CA SER E 37 10.06 28.35 5.22
C SER E 37 8.60 28.08 4.87
N LYS E 38 7.95 29.08 4.30
CA LYS E 38 6.54 28.99 3.96
C LYS E 38 6.42 28.97 2.44
N ARG E 39 5.63 28.05 1.89
CA ARG E 39 5.42 27.97 0.46
C ARG E 39 4.02 27.46 0.13
N ARG E 40 3.58 27.68 -1.10
CA ARG E 40 2.30 27.17 -1.55
C ARG E 40 2.62 26.21 -2.67
N ALA E 41 2.38 24.91 -2.45
CA ALA E 41 2.63 23.92 -3.48
C ALA E 41 1.66 24.12 -4.64
N LEU E 42 2.09 23.72 -5.84
CA LEU E 42 1.32 23.81 -7.06
C LEU E 42 -0.04 23.11 -6.89
N GLY E 43 -1.12 23.82 -7.19
CA GLY E 43 -2.45 23.27 -7.04
C GLY E 43 -3.09 23.45 -5.66
N ASN E 44 -2.32 23.89 -4.65
CA ASN E 44 -2.90 24.08 -3.31
C ASN E 44 -3.29 25.52 -3.09
N ASN E 45 -4.40 25.76 -2.40
CA ASN E 45 -4.80 27.13 -2.06
C ASN E 45 -4.30 27.54 -0.65
N PHE E 46 -3.56 26.64 0.03
CA PHE E 46 -3.02 26.86 1.36
C PHE E 46 -1.50 26.83 1.37
N TYR E 47 -0.91 27.54 2.33
CA TYR E 47 0.52 27.55 2.53
C TYR E 47 0.91 26.43 3.49
N GLU E 48 2.11 25.91 3.30
CA GLU E 48 2.66 24.88 4.17
C GLU E 48 4.01 25.34 4.68
N TYR E 49 4.39 24.89 5.89
CA TYR E 49 5.70 25.19 6.44
C TYR E 49 6.54 23.95 6.32
N TYR E 50 7.80 24.12 5.95
CA TYR E 50 8.72 22.99 5.80
C TYR E 50 10.14 23.38 6.19
N VAL E 51 10.95 22.40 6.54
CA VAL E 51 12.35 22.58 6.87
C VAL E 51 13.17 21.64 6.03
N ASP E 52 14.44 21.97 5.80
CA ASP E 52 15.32 21.10 5.06
C ASP E 52 15.85 19.92 5.90
N ASP E 53 15.70 19.98 7.23
CA ASP E 53 16.17 18.96 8.14
C ASP E 53 15.39 17.65 8.02
N PRO E 54 16.05 16.51 8.36
CA PRO E 54 15.32 15.25 8.43
C PRO E 54 14.45 15.22 9.69
N PRO E 55 13.41 14.38 9.71
CA PRO E 55 12.50 14.35 10.88
C PRO E 55 13.13 14.07 12.24
N ARG E 56 14.23 13.30 12.37
CA ARG E 56 14.85 13.07 13.68
C ARG E 56 15.30 14.41 14.32
N ILE E 57 15.84 15.34 13.51
CA ILE E 57 16.29 16.66 13.95
C ILE E 57 15.09 17.47 14.42
N VAL E 58 13.99 17.43 13.66
CA VAL E 58 12.78 18.17 14.00
C VAL E 58 12.18 17.64 15.30
N LEU E 59 12.12 16.31 15.46
CA LEU E 59 11.59 15.67 16.66
C LEU E 59 12.38 16.12 17.90
N ASP E 60 13.72 16.19 17.80
CA ASP E 60 14.55 16.63 18.93
C ASP E 60 14.26 18.09 19.27
N LYS E 61 14.10 18.96 18.25
CA LYS E 61 13.77 20.37 18.51
C LYS E 61 12.40 20.48 19.16
N LEU E 62 11.42 19.65 18.70
CA LEU E 62 10.08 19.70 19.27
C LEU E 62 10.02 19.16 20.70
N GLU E 63 10.88 18.20 21.03
CA GLU E 63 10.99 17.65 22.38
C GLU E 63 11.41 18.76 23.35
N ARG E 64 12.38 19.60 22.95
CA ARG E 64 12.83 20.72 23.78
C ARG E 64 11.74 21.78 23.98
N ARG E 65 10.73 21.82 23.08
CA ARG E 65 9.58 22.71 23.16
C ARG E 65 8.39 22.08 23.93
N GLY E 66 8.57 20.92 24.52
CA GLY E 66 7.52 20.26 25.29
C GLY E 66 6.64 19.29 24.53
N PHE E 67 6.96 19.01 23.26
CA PHE E 67 6.13 18.07 22.49
C PHE E 67 6.61 16.63 22.62
N ARG E 68 5.68 15.70 22.57
CA ARG E 68 5.99 14.27 22.65
C ARG E 68 5.27 13.56 21.49
N VAL E 69 5.97 12.59 20.86
CA VAL E 69 5.37 11.81 19.80
C VAL E 69 4.34 10.88 20.42
N LEU E 70 3.09 10.96 19.98
CA LEU E 70 2.05 10.02 20.43
C LEU E 70 1.90 8.87 19.42
N SER E 71 2.17 9.15 18.13
CA SER E 71 2.03 8.14 17.11
C SER E 71 2.82 8.48 15.87
N MET E 72 3.19 7.44 15.11
CA MET E 72 3.89 7.56 13.85
C MET E 72 3.20 6.59 12.90
N THR E 73 2.98 6.99 11.64
CA THR E 73 2.40 6.06 10.68
C THR E 73 2.92 6.29 9.25
N GLY E 74 2.75 5.31 8.40
CA GLY E 74 3.05 5.45 7.00
C GLY E 74 1.75 5.55 6.22
N VAL E 75 1.76 6.31 5.12
CA VAL E 75 0.61 6.40 4.20
C VAL E 75 1.22 6.77 2.85
N GLY E 76 0.94 6.00 1.79
CA GLY E 76 1.56 6.25 0.49
C GLY E 76 3.06 6.02 0.58
N GLN E 77 3.84 7.07 0.32
CA GLN E 77 5.30 6.99 0.54
C GLN E 77 5.75 8.02 1.61
N THR E 78 4.81 8.41 2.49
CA THR E 78 5.02 9.40 3.51
C THR E 78 4.99 8.80 4.91
N LEU E 79 5.87 9.29 5.78
CA LEU E 79 5.88 8.96 7.20
C LEU E 79 5.32 10.19 7.92
N VAL E 80 4.36 9.99 8.82
CA VAL E 80 3.74 11.09 9.55
C VAL E 80 3.93 10.88 11.04
N TRP E 81 4.23 11.95 11.81
CA TRP E 81 4.33 11.87 13.26
C TRP E 81 3.26 12.79 13.84
N CYS E 82 2.55 12.33 14.86
CA CYS E 82 1.54 13.12 15.56
C CYS E 82 2.11 13.42 16.93
N LEU E 83 2.33 14.71 17.25
CA LEU E 83 2.91 15.12 18.53
C LEU E 83 1.91 15.90 19.36
N HIS E 84 2.09 15.87 20.68
CA HIS E 84 1.22 16.56 21.61
C HIS E 84 2.04 17.29 22.66
N LYS E 85 1.65 18.51 22.99
CA LYS E 85 2.36 19.31 23.99
C LYS E 85 2.01 18.77 25.36
N GLU E 86 2.99 18.07 25.97
CA GLU E 86 2.88 17.46 27.30
C GLU E 86 4.28 17.17 27.82
N PRO F 4 -8.27 -20.50 -20.79
CA PRO F 4 -7.46 -19.56 -21.60
C PRO F 4 -6.71 -18.55 -20.76
N TYR F 5 -7.13 -18.28 -19.48
CA TYR F 5 -6.46 -17.31 -18.61
C TYR F 5 -5.73 -17.99 -17.48
N LEU F 6 -4.54 -17.53 -17.16
CA LEU F 6 -3.78 -18.06 -16.02
C LEU F 6 -3.42 -16.94 -15.07
N LEU F 7 -3.31 -17.25 -13.79
CA LEU F 7 -2.82 -16.31 -12.79
C LEU F 7 -1.63 -16.97 -12.12
N ILE F 8 -0.50 -16.25 -12.07
CA ILE F 8 0.66 -16.75 -11.35
C ILE F 8 1.11 -15.67 -10.37
N SER F 9 1.75 -16.06 -9.27
CA SER F 9 2.18 -15.06 -8.28
C SER F 9 3.43 -15.48 -7.52
N THR F 10 4.12 -14.51 -6.98
CA THR F 10 5.20 -14.72 -6.04
C THR F 10 5.23 -13.54 -5.09
N GLN F 11 5.72 -13.73 -3.87
CA GLN F 11 5.91 -12.61 -2.98
C GLN F 11 7.31 -12.06 -3.25
N ILE F 12 7.57 -10.80 -2.89
CA ILE F 12 8.93 -10.26 -3.02
C ILE F 12 9.87 -11.07 -2.10
N ARG F 13 11.09 -11.42 -2.56
CA ARG F 13 11.75 -10.97 -3.78
C ARG F 13 11.25 -11.65 -5.06
N MET F 14 11.16 -10.87 -6.16
CA MET F 14 10.70 -11.42 -7.43
C MET F 14 11.69 -12.44 -8.06
N GLU F 15 12.95 -12.41 -7.67
CA GLU F 15 13.98 -13.28 -8.23
C GLU F 15 13.97 -14.70 -7.68
N VAL F 16 13.13 -14.99 -6.69
CA VAL F 16 13.14 -16.29 -6.06
C VAL F 16 11.72 -16.80 -5.88
N GLY F 17 11.57 -18.10 -5.97
CA GLY F 17 10.31 -18.77 -5.73
C GLY F 17 9.95 -18.79 -4.25
N PRO F 18 8.90 -19.52 -3.84
CA PRO F 18 8.00 -20.28 -4.69
C PRO F 18 7.08 -19.39 -5.54
N THR F 19 6.60 -19.94 -6.64
CA THR F 19 5.68 -19.24 -7.50
C THR F 19 4.39 -20.08 -7.50
N MET F 20 3.23 -19.45 -7.22
CA MET F 20 1.92 -20.10 -7.25
C MET F 20 1.53 -20.07 -8.70
N VAL F 21 1.16 -21.21 -9.25
CA VAL F 21 0.85 -21.31 -10.68
C VAL F 21 -0.53 -21.91 -10.96
N GLY F 22 -1.34 -22.15 -9.93
CA GLY F 22 -2.66 -22.69 -10.16
C GLY F 22 -3.48 -22.95 -8.94
N ASP F 23 -4.70 -23.33 -9.18
CA ASP F 23 -5.69 -23.59 -8.13
C ASP F 23 -6.27 -24.99 -8.39
N GLU F 24 -7.23 -25.42 -7.59
CA GLU F 24 -7.87 -26.72 -7.70
C GLU F 24 -8.41 -27.07 -9.05
N GLN F 25 -8.88 -26.06 -9.80
CA GLN F 25 -9.45 -26.32 -11.13
C GLN F 25 -8.45 -26.11 -12.28
N SER F 26 -7.15 -25.96 -11.96
CA SER F 26 -6.13 -25.80 -13.02
C SER F 26 -6.01 -27.01 -13.92
N ASP F 27 -5.49 -26.81 -15.14
CA ASP F 27 -5.26 -27.86 -16.11
C ASP F 27 -4.15 -28.80 -15.56
N PRO F 28 -4.47 -30.08 -15.23
CA PRO F 28 -3.44 -30.94 -14.62
C PRO F 28 -2.26 -31.28 -15.52
N GLU F 29 -2.48 -31.28 -16.82
CA GLU F 29 -1.42 -31.56 -17.77
C GLU F 29 -0.45 -30.35 -17.80
N LEU F 30 -0.98 -29.12 -17.77
CA LEU F 30 -0.14 -27.93 -17.72
C LEU F 30 0.61 -27.88 -16.39
N MET F 31 -0.05 -28.25 -15.29
CA MET F 31 0.60 -28.28 -13.98
C MET F 31 1.75 -29.28 -13.97
N GLN F 32 1.55 -30.44 -14.59
CA GLN F 32 2.59 -31.47 -14.72
C GLN F 32 3.74 -30.94 -15.57
N HIS F 33 3.42 -30.26 -16.67
CA HIS F 33 4.42 -29.70 -17.58
C HIS F 33 5.32 -28.70 -16.87
N LEU F 34 4.74 -27.90 -15.97
CA LEU F 34 5.52 -26.94 -15.19
C LEU F 34 6.30 -27.60 -14.04
N GLY F 35 6.05 -28.86 -13.73
CA GLY F 35 6.66 -29.51 -12.55
C GLY F 35 5.96 -29.05 -11.27
N ALA F 36 4.75 -28.50 -11.41
CA ALA F 36 3.96 -27.97 -10.31
C ALA F 36 3.31 -29.10 -9.54
N SER F 37 3.08 -28.87 -8.26
CA SER F 37 2.41 -29.87 -7.43
C SER F 37 1.49 -29.16 -6.42
N LYS F 38 0.59 -29.91 -5.80
CA LYS F 38 -0.35 -29.37 -4.84
C LYS F 38 0.22 -29.26 -3.47
N ARG F 39 -0.29 -28.28 -2.73
CA ARG F 39 -0.08 -28.06 -1.32
C ARG F 39 -1.25 -27.26 -0.78
N ARG F 40 -1.55 -27.45 0.49
CA ARG F 40 -2.65 -26.73 1.11
C ARG F 40 -2.06 -25.96 2.26
N ALA F 41 -2.10 -24.63 2.16
CA ALA F 41 -1.57 -23.79 3.23
C ALA F 41 -2.48 -23.93 4.47
N LEU F 42 -1.90 -23.69 5.66
CA LEU F 42 -2.58 -23.73 6.95
C LEU F 42 -3.80 -22.79 6.91
N GLY F 43 -4.95 -23.32 7.25
CA GLY F 43 -6.16 -22.51 7.26
C GLY F 43 -6.92 -22.45 5.95
N ASN F 44 -6.32 -22.92 4.84
CA ASN F 44 -7.04 -22.93 3.56
C ASN F 44 -7.74 -24.26 3.34
N ASN F 45 -8.95 -24.21 2.78
CA ASN F 45 -9.67 -25.44 2.44
C ASN F 45 -9.45 -25.86 0.97
N PHE F 46 -8.52 -25.19 0.27
N PHE F 46 -8.56 -25.17 0.27
CA PHE F 46 -8.21 -25.47 -1.13
CA PHE F 46 -8.25 -25.45 -1.12
C PHE F 46 -6.72 -25.70 -1.33
C PHE F 46 -6.75 -25.61 -1.25
N TYR F 47 -6.40 -26.48 -2.35
N TYR F 47 -6.36 -26.46 -2.19
CA TYR F 47 -5.04 -26.77 -2.73
CA TYR F 47 -4.96 -26.61 -2.50
C TYR F 47 -4.57 -25.76 -3.78
C TYR F 47 -4.58 -25.63 -3.61
N GLU F 48 -3.32 -25.35 -3.69
N GLU F 48 -3.32 -25.28 -3.66
CA GLU F 48 -2.71 -24.44 -4.64
CA GLU F 48 -2.76 -24.45 -4.69
C GLU F 48 -1.59 -25.20 -5.38
C GLU F 48 -1.72 -25.30 -5.45
N TYR F 49 -1.39 -24.90 -6.67
CA TYR F 49 -0.32 -25.54 -7.43
C TYR F 49 0.87 -24.60 -7.30
N TYR F 50 2.05 -25.13 -6.97
CA TYR F 50 3.23 -24.25 -6.85
C TYR F 50 4.47 -24.94 -7.45
N VAL F 51 5.49 -24.13 -7.74
CA VAL F 51 6.81 -24.59 -8.13
C VAL F 51 7.79 -23.80 -7.25
N ASP F 52 9.00 -24.32 -7.07
CA ASP F 52 10.03 -23.57 -6.37
C ASP F 52 10.85 -22.67 -7.30
N ASP F 53 10.52 -22.64 -8.60
CA ASP F 53 11.19 -21.80 -9.57
C ASP F 53 10.75 -20.33 -9.37
N PRO F 54 11.62 -19.37 -9.75
CA PRO F 54 11.20 -17.97 -9.73
C PRO F 54 10.21 -17.69 -10.89
N PRO F 55 9.42 -16.62 -10.83
CA PRO F 55 8.43 -16.37 -11.91
C PRO F 55 9.02 -16.22 -13.31
N ARG F 56 10.26 -15.72 -13.48
CA ARG F 56 10.84 -15.60 -14.83
C ARG F 56 10.90 -16.98 -15.52
N ILE F 57 11.27 -18.04 -14.77
CA ILE F 57 11.37 -19.41 -15.28
C ILE F 57 10.00 -19.91 -15.70
N VAL F 58 8.98 -19.65 -14.86
CA VAL F 58 7.60 -20.06 -15.14
C VAL F 58 7.08 -19.36 -16.37
N LEU F 59 7.35 -18.05 -16.50
CA LEU F 59 6.91 -17.23 -17.64
C LEU F 59 7.48 -17.79 -18.93
N ASP F 60 8.77 -18.17 -18.94
CA ASP F 60 9.39 -18.75 -20.13
C ASP F 60 8.72 -20.06 -20.51
N LYS F 61 8.40 -20.91 -19.52
CA LYS F 61 7.74 -22.19 -19.82
C LYS F 61 6.35 -21.95 -20.40
N LEU F 62 5.63 -20.98 -19.83
CA LEU F 62 4.28 -20.63 -20.27
C LEU F 62 4.29 -20.04 -21.66
N GLU F 63 5.30 -19.24 -21.99
CA GLU F 63 5.47 -18.62 -23.31
C GLU F 63 5.55 -19.71 -24.37
N ARG F 64 6.31 -20.79 -24.11
CA ARG F 64 6.42 -21.91 -25.04
C ARG F 64 5.10 -22.66 -25.23
N ARG F 65 4.18 -22.54 -24.27
CA ARG F 65 2.84 -23.11 -24.33
C ARG F 65 1.80 -22.17 -24.97
N GLY F 66 2.23 -20.99 -25.45
CA GLY F 66 1.35 -20.07 -26.13
C GLY F 66 0.74 -18.99 -25.27
N PHE F 67 1.18 -18.85 -24.02
CA PHE F 67 0.63 -17.82 -23.13
C PHE F 67 1.42 -16.54 -23.19
N ARG F 68 0.72 -15.42 -23.04
CA ARG F 68 1.34 -14.12 -23.07
C ARG F 68 0.90 -13.33 -21.85
N VAL F 69 1.82 -12.58 -21.24
CA VAL F 69 1.47 -11.73 -20.11
C VAL F 69 0.63 -10.56 -20.62
N LEU F 70 -0.58 -10.42 -20.10
CA LEU F 70 -1.43 -9.26 -20.44
C LEU F 70 -1.28 -8.19 -19.35
N SER F 71 -1.01 -8.60 -18.10
CA SER F 71 -0.92 -7.64 -17.03
C SER F 71 -0.11 -8.21 -15.89
N MET F 72 0.58 -7.31 -15.16
CA MET F 72 1.33 -7.68 -13.95
C MET F 72 0.98 -6.63 -12.92
N THR F 73 0.72 -7.03 -11.66
CA THR F 73 0.36 -6.05 -10.63
C THR F 73 0.88 -6.44 -9.27
N GLY F 74 0.91 -5.49 -8.36
CA GLY F 74 1.27 -5.77 -6.99
C GLY F 74 0.03 -5.65 -6.12
N VAL F 75 -0.02 -6.45 -5.05
CA VAL F 75 -1.07 -6.35 -4.03
C VAL F 75 -0.40 -6.84 -2.75
N GLY F 76 -0.44 -6.04 -1.67
CA GLY F 76 0.26 -6.39 -0.44
C GLY F 76 1.77 -6.49 -0.70
N GLN F 77 2.36 -7.67 -0.50
CA GLN F 77 3.77 -7.87 -0.89
C GLN F 77 3.88 -8.96 -1.99
N THR F 78 2.79 -9.14 -2.77
CA THR F 78 2.71 -10.16 -3.83
C THR F 78 2.70 -9.52 -5.22
N LEU F 79 3.41 -10.13 -6.17
CA LEU F 79 3.39 -9.75 -7.57
C LEU F 79 2.54 -10.81 -8.27
N VAL F 80 1.59 -10.39 -9.08
CA VAL F 80 0.68 -11.30 -9.77
C VAL F 80 0.80 -11.05 -11.27
N TRP F 81 0.81 -12.10 -12.09
CA TRP F 81 0.82 -11.99 -13.53
C TRP F 81 -0.45 -12.63 -14.07
N CYS F 82 -1.11 -11.96 -15.01
CA CYS F 82 -2.31 -12.50 -15.66
C CYS F 82 -1.89 -12.82 -17.09
N LEU F 83 -1.98 -14.10 -17.47
CA LEU F 83 -1.56 -14.54 -18.81
C LEU F 83 -2.74 -15.05 -19.61
N HIS F 84 -2.68 -14.91 -20.92
CA HIS F 84 -3.75 -15.37 -21.81
C HIS F 84 -3.17 -16.20 -22.91
N LYS F 85 -3.86 -17.28 -23.27
CA LYS F 85 -3.45 -18.16 -24.36
C LYS F 85 -3.69 -17.39 -25.66
N GLU F 86 -2.62 -17.01 -26.37
CA GLU F 86 -2.66 -16.30 -27.64
C GLU F 86 -1.29 -16.23 -28.32
N SER G 1 -28.10 -5.03 -23.57
CA SER G 1 -27.47 -6.34 -23.49
C SER G 1 -25.95 -6.32 -23.64
N HIS G 2 -25.41 -5.57 -24.62
CA HIS G 2 -23.96 -5.54 -24.82
C HIS G 2 -23.28 -4.72 -23.76
N MET G 3 -22.25 -5.30 -23.17
CA MET G 3 -21.47 -4.61 -22.16
C MET G 3 -20.06 -4.43 -22.69
N PRO G 4 -19.69 -3.24 -23.21
CA PRO G 4 -18.32 -3.06 -23.70
C PRO G 4 -17.27 -3.34 -22.62
N TYR G 5 -17.46 -2.79 -21.39
CA TYR G 5 -16.51 -2.98 -20.30
C TYR G 5 -17.12 -3.72 -19.14
N LEU G 6 -16.29 -4.51 -18.48
CA LEU G 6 -16.69 -5.26 -17.30
C LEU G 6 -15.59 -5.13 -16.27
N LEU G 7 -15.94 -4.93 -15.01
CA LEU G 7 -14.99 -4.89 -13.91
C LEU G 7 -15.32 -6.05 -13.01
N ILE G 8 -14.33 -6.89 -12.70
CA ILE G 8 -14.53 -7.97 -11.74
C ILE G 8 -13.45 -7.87 -10.66
N SER G 9 -13.71 -8.41 -9.46
CA SER G 9 -12.73 -8.32 -8.39
C SER G 9 -12.82 -9.45 -7.40
N THR G 10 -11.72 -9.68 -6.69
CA THR G 10 -11.71 -10.61 -5.57
C THR G 10 -10.68 -10.07 -4.58
N GLN G 11 -10.84 -10.41 -3.30
CA GLN G 11 -9.81 -10.09 -2.34
C GLN G 11 -8.84 -11.27 -2.29
N ILE G 12 -7.60 -11.03 -1.84
CA ILE G 12 -6.64 -12.15 -1.71
C ILE G 12 -7.17 -13.15 -0.65
N ARG G 13 -7.02 -14.48 -0.88
CA ARG G 13 -6.29 -15.14 -1.96
C ARG G 13 -6.95 -15.06 -3.34
N MET G 14 -6.14 -14.86 -4.38
CA MET G 14 -6.67 -14.80 -5.75
C MET G 14 -7.24 -16.13 -6.26
N GLU G 15 -6.84 -17.25 -5.65
CA GLU G 15 -7.27 -18.58 -6.09
C GLU G 15 -8.65 -18.98 -5.63
N VAL G 16 -9.29 -18.17 -4.78
CA VAL G 16 -10.60 -18.53 -4.25
C VAL G 16 -11.57 -17.38 -4.35
N GLY G 17 -12.85 -17.71 -4.49
CA GLY G 17 -13.90 -16.72 -4.54
C GLY G 17 -14.21 -16.15 -3.16
N PRO G 18 -15.27 -15.34 -3.01
CA PRO G 18 -16.20 -14.88 -4.06
C PRO G 18 -15.55 -13.87 -5.00
N THR G 19 -16.12 -13.76 -6.19
CA THR G 19 -15.67 -12.78 -7.17
C THR G 19 -16.84 -11.83 -7.41
N MET G 20 -16.61 -10.51 -7.27
CA MET G 20 -17.62 -9.49 -7.58
C MET G 20 -17.64 -9.39 -9.11
N VAL G 21 -18.81 -9.53 -9.74
CA VAL G 21 -18.90 -9.54 -11.21
C VAL G 21 -19.80 -8.47 -11.80
N GLY G 22 -20.37 -7.59 -10.98
CA GLY G 22 -21.24 -6.55 -11.50
C GLY G 22 -21.84 -5.59 -10.50
N ASP G 23 -22.21 -4.44 -11.01
CA ASP G 23 -22.89 -3.39 -10.27
C ASP G 23 -24.39 -3.50 -10.58
N GLU G 24 -25.21 -2.69 -9.94
CA GLU G 24 -26.65 -2.66 -10.06
C GLU G 24 -27.15 -2.55 -11.52
N GLN G 25 -26.42 -1.85 -12.39
CA GLN G 25 -26.86 -1.66 -13.77
C GLN G 25 -26.31 -2.68 -14.75
N SER G 26 -25.65 -3.76 -14.28
CA SER G 26 -25.07 -4.78 -15.14
C SER G 26 -26.15 -5.54 -15.95
N ASP G 27 -25.79 -6.06 -17.15
CA ASP G 27 -26.76 -6.81 -17.96
C ASP G 27 -27.24 -8.06 -17.22
N PRO G 28 -28.55 -8.16 -16.97
CA PRO G 28 -29.08 -9.32 -16.22
C PRO G 28 -28.84 -10.67 -16.89
N GLU G 29 -28.84 -10.74 -18.24
CA GLU G 29 -28.62 -11.99 -18.96
C GLU G 29 -27.18 -12.49 -18.75
N LEU G 30 -26.19 -11.61 -18.86
CA LEU G 30 -24.79 -11.99 -18.64
C LEU G 30 -24.56 -12.39 -17.18
N MET G 31 -25.19 -11.69 -16.22
CA MET G 31 -25.11 -12.04 -14.80
C MET G 31 -25.68 -13.42 -14.56
N GLN G 32 -26.80 -13.74 -15.24
CA GLN G 32 -27.44 -15.04 -15.14
C GLN G 32 -26.55 -16.12 -15.77
N HIS G 33 -25.90 -15.82 -16.89
CA HIS G 33 -24.98 -16.73 -17.56
C HIS G 33 -23.81 -17.12 -16.63
N LEU G 34 -23.32 -16.16 -15.84
CA LEU G 34 -22.24 -16.43 -14.88
C LEU G 34 -22.70 -17.19 -13.63
N GLY G 35 -24.01 -17.31 -13.43
CA GLY G 35 -24.58 -17.92 -12.23
C GLY G 35 -24.50 -16.98 -11.03
N ALA G 36 -24.51 -15.66 -11.27
CA ALA G 36 -24.36 -14.68 -10.21
C ALA G 36 -25.58 -14.44 -9.36
N SER G 37 -25.34 -14.15 -8.07
CA SER G 37 -26.38 -13.79 -7.12
C SER G 37 -26.27 -12.28 -6.87
N LYS G 38 -27.35 -11.67 -6.44
CA LYS G 38 -27.43 -10.24 -6.20
C LYS G 38 -27.56 -10.03 -4.70
N ARG G 39 -26.78 -9.13 -4.12
CA ARG G 39 -26.91 -8.83 -2.68
C ARG G 39 -26.55 -7.36 -2.40
N ARG G 40 -26.93 -6.90 -1.21
CA ARG G 40 -26.63 -5.55 -0.78
C ARG G 40 -25.80 -5.67 0.48
N ALA G 41 -24.51 -5.31 0.41
CA ALA G 41 -23.64 -5.39 1.58
C ALA G 41 -24.09 -4.37 2.65
N LEU G 42 -23.75 -4.65 3.91
CA LEU G 42 -24.06 -3.81 5.05
C LEU G 42 -23.57 -2.38 4.85
N GLY G 43 -24.47 -1.43 4.93
CA GLY G 43 -24.11 -0.03 4.76
C GLY G 43 -24.20 0.49 3.34
N ASN G 44 -24.41 -0.38 2.35
CA ASN G 44 -24.51 0.06 0.96
C ASN G 44 -25.97 0.21 0.54
N ASN G 45 -26.29 1.22 -0.26
CA ASN G 45 -27.64 1.37 -0.80
C ASN G 45 -27.76 0.75 -2.21
N PHE G 46 -26.68 0.14 -2.73
CA PHE G 46 -26.63 -0.47 -4.04
C PHE G 46 -26.41 -1.97 -3.94
N TYR G 47 -26.87 -2.67 -4.95
CA TYR G 47 -26.70 -4.10 -5.06
C TYR G 47 -25.43 -4.39 -5.86
N GLU G 48 -24.86 -5.53 -5.60
CA GLU G 48 -23.69 -6.01 -6.30
C GLU G 48 -23.97 -7.44 -6.75
N TYR G 49 -23.41 -7.83 -7.89
CA TYR G 49 -23.52 -9.21 -8.35
C TYR G 49 -22.22 -9.92 -7.99
N TYR G 50 -22.31 -11.16 -7.53
CA TYR G 50 -21.14 -11.95 -7.17
C TYR G 50 -21.36 -13.43 -7.48
N VAL G 51 -20.26 -14.17 -7.61
CA VAL G 51 -20.29 -15.62 -7.80
C VAL G 51 -19.32 -16.21 -6.76
N ASP G 52 -19.51 -17.48 -6.43
CA ASP G 52 -18.61 -18.19 -5.51
C ASP G 52 -17.31 -18.66 -6.19
N ASP G 53 -17.26 -18.64 -7.51
CA ASP G 53 -16.11 -19.07 -8.27
C ASP G 53 -14.91 -18.14 -8.09
N PRO G 54 -13.69 -18.68 -8.21
CA PRO G 54 -12.51 -17.81 -8.21
C PRO G 54 -12.44 -17.02 -9.53
N PRO G 55 -11.69 -15.90 -9.56
CA PRO G 55 -11.65 -15.09 -10.78
C PRO G 55 -11.17 -15.78 -12.04
N ARG G 56 -10.23 -16.75 -11.96
CA ARG G 56 -9.76 -17.45 -13.15
C ARG G 56 -10.93 -18.18 -13.87
N ILE G 57 -11.89 -18.76 -13.11
CA ILE G 57 -13.07 -19.40 -13.69
C ILE G 57 -13.98 -18.34 -14.37
N VAL G 58 -14.20 -17.20 -13.71
CA VAL G 58 -15.01 -16.11 -14.29
C VAL G 58 -14.36 -15.59 -15.59
N LEU G 59 -13.02 -15.42 -15.59
CA LEU G 59 -12.28 -14.96 -16.78
C LEU G 59 -12.47 -15.93 -17.93
N ASP G 60 -12.43 -17.25 -17.64
CA ASP G 60 -12.67 -18.28 -18.65
C ASP G 60 -14.09 -18.12 -19.25
N LYS G 61 -15.11 -17.98 -18.40
CA LYS G 61 -16.49 -17.80 -18.87
C LYS G 61 -16.65 -16.52 -19.71
N LEU G 62 -16.04 -15.42 -19.28
CA LEU G 62 -16.11 -14.17 -20.01
C LEU G 62 -15.34 -14.22 -21.31
N GLU G 63 -14.23 -14.96 -21.35
CA GLU G 63 -13.43 -15.16 -22.56
C GLU G 63 -14.29 -15.82 -23.63
N ARG G 64 -15.08 -16.84 -23.26
CA ARG G 64 -15.97 -17.51 -24.20
C ARG G 64 -17.07 -16.60 -24.72
N ARG G 65 -17.44 -15.54 -23.97
CA ARG G 65 -18.41 -14.54 -24.39
C ARG G 65 -17.79 -13.40 -25.23
N GLY G 66 -16.47 -13.45 -25.47
CA GLY G 66 -15.75 -12.47 -26.27
C GLY G 66 -15.02 -11.39 -25.51
N PHE G 67 -14.96 -11.48 -24.18
CA PHE G 67 -14.27 -10.48 -23.38
C PHE G 67 -12.78 -10.75 -23.33
N ARG G 68 -12.01 -9.69 -23.19
CA ARG G 68 -10.57 -9.77 -23.09
C ARG G 68 -10.07 -8.94 -21.93
N VAL G 69 -9.14 -9.47 -21.13
CA VAL G 69 -8.57 -8.68 -20.03
C VAL G 69 -7.68 -7.60 -20.64
N LEU G 70 -7.95 -6.34 -20.33
CA LEU G 70 -7.08 -5.24 -20.76
C LEU G 70 -6.09 -4.92 -19.65
N SER G 71 -6.54 -5.02 -18.38
CA SER G 71 -5.70 -4.67 -17.27
C SER G 71 -6.13 -5.36 -15.99
N MET G 72 -5.19 -5.60 -15.11
CA MET G 72 -5.42 -6.16 -13.80
C MET G 72 -4.63 -5.28 -12.82
N THR G 73 -5.21 -4.98 -11.65
CA THR G 73 -4.50 -4.15 -10.67
C THR G 73 -4.85 -4.53 -9.26
N GLY G 74 -3.97 -4.19 -8.33
CA GLY G 74 -4.24 -4.35 -6.92
C GLY G 74 -4.60 -3.01 -6.29
N VAL G 75 -5.47 -3.02 -5.31
CA VAL G 75 -5.83 -1.81 -4.54
C VAL G 75 -6.25 -2.34 -3.18
N GLY G 76 -5.66 -1.84 -2.09
CA GLY G 76 -5.93 -2.38 -0.76
C GLY G 76 -5.49 -3.85 -0.69
N GLN G 77 -6.44 -4.75 -0.46
CA GLN G 77 -6.16 -6.21 -0.54
C GLN G 77 -7.03 -6.85 -1.65
N THR G 78 -7.49 -6.04 -2.62
CA THR G 78 -8.34 -6.47 -3.72
C THR G 78 -7.60 -6.50 -5.05
N LEU G 79 -7.88 -7.51 -5.88
CA LEU G 79 -7.39 -7.59 -7.24
C LEU G 79 -8.60 -7.26 -8.12
N VAL G 80 -8.41 -6.38 -9.09
CA VAL G 80 -9.48 -5.97 -10.00
C VAL G 80 -9.05 -6.28 -11.43
N TRP G 81 -9.96 -6.80 -12.27
CA TRP G 81 -9.68 -7.03 -13.67
C TRP G 81 -10.62 -6.14 -14.47
N CYS G 82 -10.10 -5.49 -15.51
CA CYS G 82 -10.88 -4.65 -16.40
C CYS G 82 -10.92 -5.39 -17.73
N LEU G 83 -12.11 -5.82 -18.15
CA LEU G 83 -12.26 -6.55 -19.40
C LEU G 83 -13.02 -5.72 -20.42
N HIS G 84 -12.73 -5.96 -21.68
CA HIS G 84 -13.38 -5.27 -22.78
C HIS G 84 -13.82 -6.30 -23.83
N LYS G 85 -14.97 -6.07 -24.46
CA LYS G 85 -15.42 -6.91 -25.56
C LYS G 85 -15.59 -6.02 -26.77
N GLU G 86 -14.92 -6.39 -27.88
CA GLU G 86 -15.02 -5.72 -29.19
C GLU G 86 -16.44 -5.82 -29.74
N HIS H 2 -5.86 15.75 -31.41
CA HIS H 2 -6.33 16.80 -30.51
C HIS H 2 -6.97 16.19 -29.28
N MET H 3 -6.30 16.31 -28.12
CA MET H 3 -6.72 15.77 -26.81
C MET H 3 -6.89 14.23 -26.82
N PRO H 4 -5.82 13.47 -27.08
CA PRO H 4 -5.97 12.02 -27.22
C PRO H 4 -5.97 11.20 -25.94
N TYR H 5 -5.43 11.69 -24.81
CA TYR H 5 -5.41 10.89 -23.56
C TYR H 5 -6.40 11.38 -22.52
N LEU H 6 -6.95 10.46 -21.72
CA LEU H 6 -7.86 10.80 -20.62
C LEU H 6 -7.48 10.02 -19.39
N LEU H 7 -7.72 10.59 -18.22
CA LEU H 7 -7.51 9.91 -16.95
C LEU H 7 -8.82 10.04 -16.19
N ILE H 8 -9.34 8.90 -15.74
CA ILE H 8 -10.54 8.91 -14.90
C ILE H 8 -10.23 8.10 -13.63
N SER H 9 -10.96 8.31 -12.54
CA SER H 9 -10.69 7.59 -11.30
C SER H 9 -11.90 7.44 -10.42
N THR H 10 -11.86 6.45 -9.54
CA THR H 10 -12.86 6.30 -8.49
C THR H 10 -12.19 5.70 -7.28
N GLN H 11 -12.72 5.96 -6.09
CA GLN H 11 -12.19 5.28 -4.92
C GLN H 11 -13.02 4.01 -4.72
N ILE H 12 -12.48 3.02 -4.01
CA ILE H 12 -13.26 1.81 -3.71
C ILE H 12 -14.50 2.21 -2.84
N ARG H 13 -15.69 1.64 -3.10
CA ARG H 13 -15.98 0.52 -4.00
C ARG H 13 -15.96 0.91 -5.49
N MET H 14 -15.42 0.04 -6.34
CA MET H 14 -15.40 0.30 -7.79
C MET H 14 -16.80 0.34 -8.42
N GLU H 15 -17.80 -0.28 -7.78
CA GLU H 15 -19.16 -0.37 -8.33
C GLU H 15 -19.99 0.88 -8.16
N VAL H 16 -19.49 1.87 -7.43
CA VAL H 16 -20.26 3.08 -7.15
C VAL H 16 -19.43 4.32 -7.41
N GLY H 17 -20.11 5.39 -7.80
CA GLY H 17 -19.46 6.66 -8.01
C GLY H 17 -19.10 7.35 -6.70
N PRO H 18 -18.63 8.61 -6.72
CA PRO H 18 -18.40 9.44 -7.91
C PRO H 18 -17.16 8.97 -8.69
N THR H 19 -17.11 9.34 -9.96
CA THR H 19 -15.98 9.07 -10.80
C THR H 19 -15.41 10.44 -11.19
N MET H 20 -14.09 10.65 -10.98
CA MET H 20 -13.42 11.88 -11.41
C MET H 20 -13.19 11.70 -12.90
N VAL H 21 -13.65 12.66 -13.73
CA VAL H 21 -13.51 12.52 -15.17
C VAL H 21 -12.71 13.63 -15.85
N GLY H 22 -12.17 14.58 -15.08
CA GLY H 22 -11.41 15.67 -15.67
C GLY H 22 -10.77 16.66 -14.75
N ASP H 23 -9.75 17.33 -15.27
CA ASP H 23 -9.02 18.40 -14.60
C ASP H 23 -9.54 19.74 -15.19
N GLU H 24 -9.05 20.88 -14.69
CA GLU H 24 -9.47 22.21 -15.13
C GLU H 24 -9.38 22.45 -16.63
N GLN H 25 -8.40 21.84 -17.30
CA GLN H 25 -8.20 22.05 -18.72
C GLN H 25 -8.85 20.98 -19.61
N SER H 26 -9.77 20.17 -19.04
CA SER H 26 -10.44 19.13 -19.80
C SER H 26 -11.37 19.72 -20.87
N ASP H 27 -11.68 18.93 -21.89
CA ASP H 27 -12.56 19.31 -23.00
C ASP H 27 -13.95 19.59 -22.43
N PRO H 28 -14.41 20.86 -22.46
CA PRO H 28 -15.72 21.18 -21.85
C PRO H 28 -16.88 20.43 -22.49
N GLU H 29 -16.77 20.15 -23.78
CA GLU H 29 -17.83 19.47 -24.53
C GLU H 29 -17.95 18.02 -24.09
N LEU H 30 -16.81 17.34 -23.90
CA LEU H 30 -16.79 15.97 -23.40
C LEU H 30 -17.32 15.93 -21.98
N MET H 31 -16.96 16.92 -21.15
CA MET H 31 -17.44 16.97 -19.76
C MET H 31 -18.96 17.14 -19.71
N GLN H 32 -19.48 17.98 -20.61
CA GLN H 32 -20.92 18.22 -20.72
C GLN H 32 -21.62 16.95 -21.21
N HIS H 33 -21.02 16.24 -22.17
CA HIS H 33 -21.58 15.00 -22.67
C HIS H 33 -21.70 13.94 -21.55
N LEU H 34 -20.71 13.88 -20.64
CA LEU H 34 -20.75 12.92 -19.54
C LEU H 34 -21.75 13.32 -18.43
N GLY H 35 -22.27 14.55 -18.47
CA GLY H 35 -23.14 15.09 -17.45
C GLY H 35 -22.34 15.47 -16.21
N ALA H 36 -21.07 15.85 -16.39
CA ALA H 36 -20.19 16.16 -15.26
C ALA H 36 -20.43 17.50 -14.63
N SER H 37 -20.20 17.56 -13.32
CA SER H 37 -20.26 18.80 -12.55
C SER H 37 -18.84 19.23 -12.24
N LYS H 38 -18.64 20.51 -12.02
CA LYS H 38 -17.33 21.08 -11.78
C LYS H 38 -17.29 21.56 -10.32
N ARG H 39 -16.22 21.27 -9.60
CA ARG H 39 -16.08 21.73 -8.21
C ARG H 39 -14.60 21.92 -7.85
N ARG H 40 -14.34 22.65 -6.77
CA ARG H 40 -13.00 22.84 -6.26
C ARG H 40 -12.99 22.18 -4.91
N ALA H 41 -12.27 21.08 -4.76
CA ALA H 41 -12.18 20.40 -3.48
C ALA H 41 -11.46 21.30 -2.49
N LEU H 42 -11.74 21.09 -1.22
CA LEU H 42 -11.16 21.85 -0.13
C LEU H 42 -9.63 21.76 -0.16
N GLY H 43 -8.97 22.89 -0.16
CA GLY H 43 -7.52 22.93 -0.23
C GLY H 43 -6.94 23.01 -1.64
N ASN H 44 -7.76 22.82 -2.69
CA ASN H 44 -7.24 22.88 -4.05
C ASN H 44 -7.54 24.23 -4.68
N ASN H 45 -6.63 24.76 -5.49
CA ASN H 45 -6.93 25.99 -6.23
C ASN H 45 -7.45 25.71 -7.67
N PHE H 46 -7.63 24.43 -8.02
CA PHE H 46 -8.08 24.00 -9.34
C PHE H 46 -9.42 23.28 -9.26
N TYR H 47 -10.15 23.34 -10.37
CA TYR H 47 -11.43 22.68 -10.54
C TYR H 47 -11.20 21.24 -11.00
N GLU H 48 -12.12 20.37 -10.64
CA GLU H 48 -12.14 18.98 -11.09
C GLU H 48 -13.56 18.70 -11.62
N TYR H 49 -13.65 17.83 -12.61
CA TYR H 49 -14.94 17.41 -13.12
C TYR H 49 -15.23 16.02 -12.57
N TYR H 50 -16.48 15.79 -12.18
CA TYR H 50 -16.88 14.49 -11.63
C TYR H 50 -18.30 14.16 -12.04
N VAL H 51 -18.64 12.87 -12.03
CA VAL H 51 -19.99 12.38 -12.30
C VAL H 51 -20.38 11.45 -11.15
N ASP H 52 -21.68 11.27 -10.94
CA ASP H 52 -22.16 10.35 -9.91
C ASP H 52 -22.13 8.88 -10.37
N ASP H 53 -21.96 8.62 -11.66
CA ASP H 53 -21.93 7.28 -12.22
C ASP H 53 -20.71 6.49 -11.76
N PRO H 54 -20.85 5.17 -11.66
CA PRO H 54 -19.65 4.34 -11.40
C PRO H 54 -18.77 4.30 -12.66
N PRO H 55 -17.49 3.93 -12.51
CA PRO H 55 -16.58 3.96 -13.67
C PRO H 55 -16.95 3.06 -14.84
N ARG H 56 -17.61 1.90 -14.64
CA ARG H 56 -17.99 1.06 -15.78
C ARG H 56 -18.90 1.85 -16.77
N ILE H 57 -19.84 2.66 -16.23
CA ILE H 57 -20.75 3.48 -17.03
C ILE H 57 -19.96 4.54 -17.78
N VAL H 58 -18.99 5.18 -17.13
CA VAL H 58 -18.16 6.21 -17.77
C VAL H 58 -17.32 5.60 -18.88
N LEU H 59 -16.73 4.42 -18.65
CA LEU H 59 -15.92 3.73 -19.66
C LEU H 59 -16.76 3.43 -20.91
N ASP H 60 -18.00 2.96 -20.74
CA ASP H 60 -18.89 2.71 -21.88
C ASP H 60 -19.18 4.00 -22.65
N LYS H 61 -19.42 5.12 -21.94
CA LYS H 61 -19.67 6.40 -22.62
C LYS H 61 -18.41 6.88 -23.35
N LEU H 62 -17.22 6.67 -22.78
CA LEU H 62 -15.98 7.07 -23.44
C LEU H 62 -15.68 6.23 -24.68
N GLU H 63 -16.09 4.95 -24.66
CA GLU H 63 -15.96 4.06 -25.81
C GLU H 63 -16.75 4.65 -27.02
N ARG H 64 -18.00 5.11 -26.77
CA ARG H 64 -18.79 5.72 -27.85
C ARG H 64 -18.14 7.02 -28.39
N ARG H 65 -17.26 7.64 -27.60
CA ARG H 65 -16.55 8.82 -28.03
C ARG H 65 -15.19 8.52 -28.70
N GLY H 66 -14.88 7.25 -28.93
CA GLY H 66 -13.64 6.85 -29.59
C GLY H 66 -12.50 6.46 -28.67
N PHE H 67 -12.73 6.45 -27.35
CA PHE H 67 -11.66 6.13 -26.41
C PHE H 67 -11.57 4.63 -26.06
N ARG H 68 -10.37 4.17 -25.79
CA ARG H 68 -10.13 2.81 -25.38
C ARG H 68 -9.24 2.80 -24.13
N VAL H 69 -9.53 1.92 -23.16
CA VAL H 69 -8.71 1.78 -21.97
C VAL H 69 -7.37 1.17 -22.38
N LEU H 70 -6.26 1.84 -22.04
CA LEU H 70 -4.93 1.27 -22.27
C LEU H 70 -4.40 0.65 -20.97
N SER H 71 -4.77 1.25 -19.81
CA SER H 71 -4.26 0.72 -18.55
C SER H 71 -5.17 1.11 -17.40
N MET H 72 -5.14 0.29 -16.34
CA MET H 72 -5.87 0.54 -15.11
C MET H 72 -4.90 0.27 -13.96
N THR H 73 -4.89 1.13 -12.91
CA THR H 73 -4.01 0.88 -11.78
C THR H 73 -4.61 1.35 -10.46
N GLY H 74 -4.10 0.82 -9.36
CA GLY H 74 -4.52 1.26 -8.05
C GLY H 74 -3.43 2.10 -7.42
N VAL H 75 -3.84 3.09 -6.61
CA VAL H 75 -2.91 3.91 -5.84
C VAL H 75 -3.70 4.38 -4.62
N GLY H 76 -3.19 4.14 -3.41
CA GLY H 76 -3.94 4.51 -2.20
C GLY H 76 -5.19 3.67 -2.11
N GLN H 77 -6.37 4.30 -2.15
CA GLN H 77 -7.64 3.57 -2.23
C GLN H 77 -8.39 3.96 -3.52
N THR H 78 -7.64 4.40 -4.55
CA THR H 78 -8.18 4.89 -5.81
C THR H 78 -7.81 3.97 -6.97
N LEU H 79 -8.76 3.77 -7.88
CA LEU H 79 -8.53 3.03 -9.12
C LEU H 79 -8.49 4.10 -10.20
N VAL H 80 -7.49 4.05 -11.08
CA VAL H 80 -7.32 5.03 -12.15
C VAL H 80 -7.35 4.29 -13.49
N TRP H 81 -8.00 4.87 -14.50
CA TRP H 81 -7.99 4.31 -15.84
C TRP H 81 -7.35 5.35 -16.75
N CYS H 82 -6.48 4.88 -17.65
CA CYS H 82 -5.85 5.75 -18.65
C CYS H 82 -6.43 5.32 -20.00
N LEU H 83 -7.11 6.25 -20.69
CA LEU H 83 -7.74 5.97 -21.98
C LEU H 83 -7.08 6.75 -23.10
N HIS H 84 -7.15 6.21 -24.32
CA HIS H 84 -6.55 6.84 -25.48
C HIS H 84 -7.56 6.84 -26.64
N LYS H 85 -7.64 7.94 -27.39
CA LYS H 85 -8.56 8.08 -28.50
C LYS H 85 -8.01 7.28 -29.69
N GLU H 86 -8.60 6.12 -29.94
CA GLU H 86 -8.17 5.24 -31.03
C GLU H 86 -9.30 4.32 -31.45
N PRO I 4 14.05 5.30 -26.88
CA PRO I 4 12.70 4.83 -27.19
C PRO I 4 11.76 4.73 -25.98
N TYR I 5 12.27 4.56 -24.74
CA TYR I 5 11.39 4.48 -23.57
C TYR I 5 11.43 5.74 -22.74
N LEU I 6 10.28 6.10 -22.16
CA LEU I 6 10.17 7.26 -21.27
C LEU I 6 9.42 6.85 -20.03
N LEU I 7 9.78 7.44 -18.90
CA LEU I 7 9.07 7.24 -17.66
C LEU I 7 8.66 8.62 -17.16
N ILE I 8 7.37 8.82 -16.91
CA ILE I 8 6.89 10.07 -16.34
C ILE I 8 6.09 9.74 -15.08
N SER I 9 5.96 10.70 -14.16
CA SER I 9 5.24 10.43 -12.91
C SER I 9 4.66 11.68 -12.30
N THR I 10 3.64 11.48 -11.46
CA THR I 10 3.11 12.55 -10.64
C THR I 10 2.61 11.91 -9.37
N GLN I 11 2.59 12.69 -8.27
CA GLN I 11 1.98 12.18 -7.06
C GLN I 11 0.52 12.57 -7.09
N ILE I 12 -0.35 11.85 -6.35
CA ILE I 12 -1.76 12.23 -6.27
C ILE I 12 -1.86 13.64 -5.63
N ARG I 13 -2.74 14.52 -6.11
CA ARG I 13 -3.78 14.29 -7.12
C ARG I 13 -3.27 14.17 -8.55
N MET I 14 -3.84 13.22 -9.31
CA MET I 14 -3.42 13.03 -10.71
C MET I 14 -3.78 14.23 -11.61
N GLU I 15 -4.71 15.07 -11.20
CA GLU I 15 -5.18 16.22 -12.01
C GLU I 15 -4.29 17.44 -11.93
N VAL I 16 -3.25 17.41 -11.09
CA VAL I 16 -2.39 18.56 -10.94
C VAL I 16 -0.93 18.15 -11.01
N GLY I 17 -0.11 19.06 -11.50
CA GLY I 17 1.32 18.84 -11.54
C GLY I 17 1.96 19.00 -10.16
N PRO I 18 3.30 18.98 -10.08
CA PRO I 18 4.25 18.81 -11.17
C PRO I 18 4.29 17.37 -11.69
N THR I 19 4.74 17.23 -12.92
CA THR I 19 4.92 15.92 -13.51
C THR I 19 6.43 15.77 -13.75
N MET I 20 7.04 14.69 -13.25
CA MET I 20 8.45 14.38 -13.48
C MET I 20 8.51 13.82 -14.88
N VAL I 21 9.35 14.39 -15.74
CA VAL I 21 9.42 13.95 -17.13
C VAL I 21 10.79 13.46 -17.57
N GLY I 22 11.78 13.44 -16.67
CA GLY I 22 13.09 12.96 -17.03
C GLY I 22 14.14 12.90 -15.95
N ASP I 23 15.17 12.13 -16.21
CA ASP I 23 16.34 11.97 -15.35
C ASP I 23 17.49 12.76 -16.00
N GLU I 24 18.66 12.79 -15.35
CA GLU I 24 19.86 13.48 -15.80
C GLU I 24 20.28 13.18 -17.23
N GLN I 25 20.08 11.94 -17.69
CA GLN I 25 20.46 11.55 -19.04
C GLN I 25 19.34 11.62 -20.08
N SER I 26 18.25 12.33 -19.78
CA SER I 26 17.15 12.46 -20.72
C SER I 26 17.51 13.31 -21.93
N ASP I 27 16.78 13.12 -23.05
CA ASP I 27 16.97 13.84 -24.31
C ASP I 27 16.70 15.32 -24.07
N PRO I 28 17.75 16.18 -24.15
CA PRO I 28 17.55 17.61 -23.85
C PRO I 28 16.55 18.30 -24.76
N GLU I 29 16.47 17.88 -26.02
CA GLU I 29 15.56 18.48 -26.98
C GLU I 29 14.12 18.16 -26.62
N LEU I 30 13.84 16.90 -26.24
CA LEU I 30 12.49 16.51 -25.83
C LEU I 30 12.11 17.25 -24.54
N MET I 31 13.05 17.39 -23.59
CA MET I 31 12.80 18.10 -22.35
C MET I 31 12.45 19.57 -22.61
N GLN I 32 13.18 20.19 -23.55
CA GLN I 32 12.96 21.56 -23.96
C GLN I 32 11.59 21.70 -24.63
N HIS I 33 11.22 20.74 -25.49
CA HIS I 33 9.93 20.73 -26.16
C HIS I 33 8.77 20.68 -25.14
N LEU I 34 8.93 19.91 -24.06
CA LEU I 34 7.91 19.83 -23.02
C LEU I 34 7.83 21.09 -22.12
N GLY I 35 8.80 22.00 -22.24
CA GLY I 35 8.89 23.16 -21.38
C GLY I 35 9.39 22.80 -20.00
N ALA I 36 10.20 21.73 -19.90
CA ALA I 36 10.68 21.25 -18.62
C ALA I 36 11.81 22.06 -18.02
N SER I 37 11.83 22.12 -16.69
CA SER I 37 12.88 22.77 -15.93
C SER I 37 13.70 21.68 -15.27
N LYS I 38 14.93 22.00 -14.93
CA LYS I 38 15.85 21.05 -14.32
C LYS I 38 16.01 21.46 -12.85
N ARG I 39 15.67 20.56 -11.90
CA ARG I 39 15.80 20.83 -10.46
C ARG I 39 16.42 19.64 -9.71
N ARG I 40 16.94 19.88 -8.51
CA ARG I 40 17.56 18.83 -7.72
C ARG I 40 16.82 18.72 -6.39
N ALA I 41 16.20 17.55 -6.11
CA ALA I 41 15.52 17.41 -4.81
C ALA I 41 16.58 17.31 -3.74
N LEU I 42 16.26 17.80 -2.55
CA LEU I 42 17.16 17.87 -1.42
C LEU I 42 18.10 16.64 -1.17
N GLY I 43 17.60 15.42 -1.05
CA GLY I 43 18.50 14.28 -0.74
C GLY I 43 19.16 13.63 -1.93
N ASN I 44 18.91 14.15 -3.13
CA ASN I 44 19.42 13.54 -4.35
C ASN I 44 20.69 14.18 -4.86
N ASN I 45 21.62 13.38 -5.41
CA ASN I 45 22.81 13.96 -6.05
C ASN I 45 22.63 14.12 -7.59
N PHE I 46 21.45 13.77 -8.11
CA PHE I 46 21.08 13.88 -9.50
C PHE I 46 19.97 14.92 -9.69
N TYR I 47 19.94 15.55 -10.85
CA TYR I 47 18.85 16.48 -11.16
C TYR I 47 17.74 15.69 -11.88
N GLU I 48 16.57 16.25 -11.89
CA GLU I 48 15.40 15.67 -12.53
C GLU I 48 14.78 16.77 -13.39
N TYR I 49 14.07 16.37 -14.44
CA TYR I 49 13.33 17.32 -15.27
C TYR I 49 11.88 17.22 -14.86
N TYR I 50 11.22 18.37 -14.75
CA TYR I 50 9.80 18.40 -14.38
C TYR I 50 9.08 19.52 -15.13
N VAL I 51 7.75 19.40 -15.21
CA VAL I 51 6.89 20.44 -15.76
C VAL I 51 5.79 20.71 -14.73
N ASP I 52 5.20 21.90 -14.77
CA ASP I 52 4.08 22.24 -13.88
C ASP I 52 2.75 21.62 -14.33
N ASP I 53 2.68 21.15 -15.58
CA ASP I 53 1.48 20.58 -16.15
C ASP I 53 1.09 19.26 -15.48
N PRO I 54 -0.21 18.98 -15.44
CA PRO I 54 -0.64 17.64 -14.98
C PRO I 54 -0.28 16.59 -16.04
N PRO I 55 -0.21 15.30 -15.65
CA PRO I 55 0.19 14.26 -16.61
C PRO I 55 -0.64 14.12 -17.88
N ARG I 56 -1.97 14.39 -17.85
CA ARG I 56 -2.78 14.29 -19.07
C ARG I 56 -2.22 15.19 -20.20
N ILE I 57 -1.79 16.41 -19.83
CA ILE I 57 -1.21 17.39 -20.75
C ILE I 57 0.11 16.86 -21.31
N VAL I 58 0.95 16.29 -20.45
CA VAL I 58 2.25 15.73 -20.88
C VAL I 58 2.05 14.55 -21.82
N LEU I 59 1.09 13.68 -21.51
CA LEU I 59 0.77 12.52 -22.35
C LEU I 59 0.34 12.95 -23.75
N ASP I 60 -0.46 14.01 -23.86
CA ASP I 60 -0.89 14.53 -25.16
C ASP I 60 0.30 15.07 -25.94
N LYS I 61 1.23 15.80 -25.27
CA LYS I 61 2.40 16.32 -25.96
C LYS I 61 3.31 15.20 -26.43
N LEU I 62 3.47 14.17 -25.60
CA LEU I 62 4.31 13.02 -25.95
C LEU I 62 3.73 12.24 -27.10
N GLU I 63 2.38 12.13 -27.19
CA GLU I 63 1.67 11.46 -28.30
C GLU I 63 2.04 12.13 -29.64
N ARG I 64 2.08 13.47 -29.66
CA ARG I 64 2.46 14.21 -30.86
C ARG I 64 3.92 13.96 -31.28
N ARG I 65 4.76 13.50 -30.35
CA ARG I 65 6.14 13.15 -30.60
C ARG I 65 6.34 11.65 -30.94
N GLY I 66 5.26 10.90 -31.13
CA GLY I 66 5.34 9.49 -31.48
C GLY I 66 5.37 8.51 -30.31
N PHE I 67 5.14 8.99 -29.08
CA PHE I 67 5.12 8.08 -27.91
C PHE I 67 3.74 7.54 -27.60
N ARG I 68 3.69 6.32 -27.08
CA ARG I 68 2.45 5.67 -26.69
C ARG I 68 2.59 5.10 -25.28
N VAL I 69 1.54 5.24 -24.45
CA VAL I 69 1.56 4.65 -23.12
C VAL I 69 1.47 3.14 -23.26
N LEU I 70 2.44 2.41 -22.70
CA LEU I 70 2.39 0.95 -22.67
C LEU I 70 1.85 0.47 -21.33
N SER I 71 2.11 1.23 -20.25
CA SER I 71 1.70 0.81 -18.93
C SER I 71 1.64 1.98 -17.98
N MET I 72 0.75 1.89 -17.00
CA MET I 72 0.60 2.88 -15.94
C MET I 72 0.51 2.10 -14.63
N THR I 73 1.18 2.58 -13.57
CA THR I 73 1.09 1.90 -12.28
C THR I 73 1.13 2.89 -11.11
N GLY I 74 0.75 2.42 -9.93
CA GLY I 74 0.87 3.20 -8.71
C GLY I 74 1.94 2.58 -7.84
N VAL I 75 2.69 3.42 -7.11
CA VAL I 75 3.68 2.95 -6.13
C VAL I 75 3.72 4.07 -5.06
N GLY I 76 3.52 3.72 -3.79
CA GLY I 76 3.45 4.74 -2.72
C GLY I 76 2.24 5.64 -2.98
N GLN I 77 2.47 6.93 -3.20
CA GLN I 77 1.38 7.85 -3.59
C GLN I 77 1.70 8.46 -4.98
N THR I 78 2.49 7.76 -5.80
CA THR I 78 2.92 8.19 -7.11
C THR I 78 2.26 7.33 -8.22
N LEU I 79 1.88 7.96 -9.31
CA LEU I 79 1.38 7.31 -10.52
C LEU I 79 2.52 7.43 -11.53
N VAL I 80 2.88 6.33 -12.18
CA VAL I 80 3.98 6.31 -13.13
C VAL I 80 3.43 5.82 -14.48
N TRP I 81 3.89 6.42 -15.59
CA TRP I 81 3.50 5.99 -16.92
C TRP I 81 4.79 5.59 -17.65
N CYS I 82 4.75 4.48 -18.37
CA CYS I 82 5.86 3.99 -19.16
C CYS I 82 5.43 4.14 -20.61
N LEU I 83 6.15 4.96 -21.38
CA LEU I 83 5.82 5.23 -22.77
C LEU I 83 6.91 4.70 -23.69
N HIS I 84 6.52 4.35 -24.92
CA HIS I 84 7.45 3.82 -25.89
C HIS I 84 7.24 4.55 -27.23
N LYS I 85 8.34 4.86 -27.92
CA LYS I 85 8.28 5.55 -29.20
C LYS I 85 7.87 4.54 -30.25
N GLU I 86 6.62 4.63 -30.70
CA GLU I 86 6.06 3.74 -31.72
C GLU I 86 4.84 4.38 -32.38
N PRO J 4 12.64 -15.94 -23.18
CA PRO J 4 11.94 -14.84 -23.83
C PRO J 4 11.42 -13.77 -22.86
N TYR J 5 11.26 -14.09 -21.56
CA TYR J 5 10.77 -13.10 -20.58
C TYR J 5 11.86 -12.59 -19.66
N LEU J 6 11.77 -11.31 -19.26
CA LEU J 6 12.70 -10.70 -18.31
C LEU J 6 11.91 -9.92 -17.27
N LEU J 7 12.45 -9.85 -16.06
CA LEU J 7 11.91 -9.01 -15.00
C LEU J 7 13.05 -8.11 -14.55
N ILE J 8 12.81 -6.80 -14.53
CA ILE J 8 13.79 -5.85 -13.98
C ILE J 8 13.08 -4.98 -12.94
N SER J 9 13.84 -4.40 -11.99
CA SER J 9 13.20 -3.60 -10.94
C SER J 9 14.12 -2.53 -10.39
N THR J 10 13.53 -1.53 -9.78
CA THR J 10 14.24 -0.52 -9.02
C THR J 10 13.33 -0.06 -7.90
N GLN J 11 13.91 0.39 -6.78
CA GLN J 11 13.11 1.00 -5.76
C GLN J 11 13.02 2.50 -6.11
N ILE J 12 12.00 3.18 -5.58
CA ILE J 12 11.89 4.62 -5.80
C ILE J 12 13.12 5.31 -5.14
N ARG J 13 13.75 6.31 -5.79
CA ARG J 13 13.29 7.01 -6.99
C ARG J 13 13.50 6.22 -8.30
N MET J 14 12.53 6.32 -9.22
CA MET J 14 12.64 5.64 -10.49
C MET J 14 13.76 6.18 -11.40
N GLU J 15 14.22 7.42 -11.16
CA GLU J 15 15.24 8.08 -11.95
C GLU J 15 16.66 7.65 -11.64
N VAL J 16 16.86 6.82 -10.61
CA VAL J 16 18.21 6.43 -10.22
C VAL J 16 18.29 4.92 -9.98
N GLY J 17 19.47 4.37 -10.23
CA GLY J 17 19.71 2.96 -9.97
C GLY J 17 19.93 2.68 -8.49
N PRO J 18 20.34 1.45 -8.12
CA PRO J 18 20.60 0.31 -9.00
C PRO J 18 19.31 -0.29 -9.55
N THR J 19 19.45 -0.98 -10.68
CA THR J 19 18.35 -1.69 -11.29
C THR J 19 18.70 -3.17 -11.20
N MET J 20 17.81 -3.96 -10.62
CA MET J 20 18.01 -5.42 -10.56
C MET J 20 17.64 -5.95 -11.93
N VAL J 21 18.55 -6.73 -12.58
CA VAL J 21 18.29 -7.22 -13.93
C VAL J 21 18.26 -8.75 -14.08
N GLY J 22 18.46 -9.49 -12.99
CA GLY J 22 18.45 -10.94 -13.11
C GLY J 22 18.58 -11.74 -11.84
N ASP J 23 18.13 -12.98 -11.91
CA ASP J 23 18.25 -13.95 -10.84
C ASP J 23 19.46 -14.87 -11.16
N GLU J 24 19.78 -15.82 -10.27
CA GLU J 24 20.90 -16.73 -10.41
C GLU J 24 20.95 -17.50 -11.73
N GLN J 25 19.80 -17.83 -12.29
CA GLN J 25 19.73 -18.59 -13.54
C GLN J 25 19.58 -17.74 -14.79
N SER J 26 19.78 -16.41 -14.70
CA SER J 26 19.64 -15.53 -15.87
C SER J 26 20.67 -15.77 -16.93
N ASP J 27 20.39 -15.35 -18.17
CA ASP J 27 21.25 -15.49 -19.35
C ASP J 27 22.55 -14.75 -19.11
N PRO J 28 23.68 -15.46 -18.95
CA PRO J 28 24.96 -14.78 -18.65
C PRO J 28 25.40 -13.79 -19.70
N GLU J 29 25.10 -14.08 -20.97
CA GLU J 29 25.48 -13.22 -22.08
C GLU J 29 24.73 -11.89 -22.03
N LEU J 30 23.42 -11.95 -21.78
CA LEU J 30 22.60 -10.74 -21.65
C LEU J 30 23.04 -9.92 -20.45
N MET J 31 23.37 -10.60 -19.33
CA MET J 31 23.84 -9.92 -18.12
C MET J 31 25.14 -9.18 -18.40
N GLN J 32 26.03 -9.83 -19.14
CA GLN J 32 27.30 -9.25 -19.53
C GLN J 32 27.09 -8.06 -20.44
N HIS J 33 26.16 -8.17 -21.39
CA HIS J 33 25.84 -7.08 -22.31
C HIS J 33 25.35 -5.83 -21.56
N LEU J 34 24.55 -6.03 -20.51
CA LEU J 34 24.07 -4.90 -19.70
C LEU J 34 25.16 -4.28 -18.80
N GLY J 35 26.31 -4.93 -18.67
CA GLY J 35 27.37 -4.51 -17.78
C GLY J 35 27.04 -4.83 -16.33
N ALA J 36 26.21 -5.89 -16.11
CA ALA J 36 25.76 -6.25 -14.78
C ALA J 36 26.80 -6.95 -13.92
N SER J 37 26.72 -6.69 -12.61
CA SER J 37 27.55 -7.35 -11.63
C SER J 37 26.69 -8.38 -10.90
N LYS J 38 27.34 -9.40 -10.36
CA LYS J 38 26.68 -10.50 -9.70
C LYS J 38 27.02 -10.45 -8.23
N ARG J 39 26.04 -10.55 -7.34
CA ARG J 39 26.28 -10.52 -5.90
C ARG J 39 25.22 -11.35 -5.15
N ARG J 40 25.46 -11.68 -3.89
CA ARG J 40 24.46 -12.34 -3.05
C ARG J 40 24.27 -11.39 -1.89
N ALA J 41 23.13 -10.71 -1.82
CA ALA J 41 22.86 -9.75 -0.74
C ALA J 41 22.70 -10.46 0.61
N LEU J 42 22.91 -9.71 1.71
CA LEU J 42 22.80 -10.15 3.08
C LEU J 42 21.48 -10.90 3.32
N GLY J 43 21.58 -12.11 3.85
CA GLY J 43 20.42 -12.93 4.18
C GLY J 43 19.78 -13.67 3.02
N ASN J 44 20.27 -13.44 1.79
CA ASN J 44 19.69 -14.10 0.63
C ASN J 44 20.34 -15.44 0.35
N ASN J 45 19.54 -16.35 -0.16
CA ASN J 45 20.00 -17.68 -0.54
C ASN J 45 20.44 -17.76 -2.01
N PHE J 46 20.07 -16.76 -2.81
CA PHE J 46 20.27 -16.68 -4.25
C PHE J 46 21.17 -15.51 -4.64
N TYR J 47 21.88 -15.67 -5.74
CA TYR J 47 22.70 -14.62 -6.32
C TYR J 47 21.78 -13.77 -7.19
N GLU J 48 22.11 -12.49 -7.39
CA GLU J 48 21.32 -11.57 -8.21
C GLU J 48 22.23 -10.77 -9.14
N TYR J 49 21.69 -10.29 -10.26
CA TYR J 49 22.45 -9.43 -11.17
C TYR J 49 21.87 -8.02 -11.05
N TYR J 50 22.72 -7.02 -11.08
CA TYR J 50 22.30 -5.63 -10.98
C TYR J 50 23.22 -4.71 -11.78
N VAL J 51 22.71 -3.53 -12.15
CA VAL J 51 23.50 -2.49 -12.80
C VAL J 51 23.29 -1.19 -12.03
N ASP J 52 24.24 -0.26 -12.14
CA ASP J 52 24.11 1.05 -11.48
C ASP J 52 23.17 2.01 -12.22
N ASP J 53 22.86 1.71 -13.48
CA ASP J 53 22.01 2.52 -14.33
C ASP J 53 20.57 2.58 -13.83
N PRO J 54 19.89 3.70 -14.07
CA PRO J 54 18.45 3.75 -13.79
C PRO J 54 17.68 2.87 -14.80
N PRO J 55 16.45 2.48 -14.47
CA PRO J 55 15.69 1.59 -15.36
C PRO J 55 15.43 2.10 -16.79
N ARG J 56 15.28 3.40 -17.03
CA ARG J 56 15.06 3.90 -18.40
C ARG J 56 16.22 3.50 -19.33
N ILE J 57 17.46 3.57 -18.81
CA ILE J 57 18.68 3.19 -19.54
C ILE J 57 18.66 1.69 -19.84
N VAL J 58 18.26 0.87 -18.86
CA VAL J 58 18.19 -0.57 -19.03
C VAL J 58 17.13 -0.95 -20.05
N LEU J 59 15.95 -0.29 -20.00
CA LEU J 59 14.86 -0.52 -20.96
C LEU J 59 15.34 -0.26 -22.39
N ASP J 60 16.10 0.83 -22.60
CA ASP J 60 16.63 1.16 -23.93
C ASP J 60 17.61 0.09 -24.40
N LYS J 61 18.49 -0.40 -23.51
CA LYS J 61 19.42 -1.47 -23.88
C LYS J 61 18.70 -2.76 -24.24
N LEU J 62 17.65 -3.12 -23.47
CA LEU J 62 16.87 -4.32 -23.76
C LEU J 62 16.07 -4.20 -25.05
N GLU J 63 15.62 -2.98 -25.37
CA GLU J 63 14.89 -2.66 -26.58
C GLU J 63 15.77 -3.00 -27.81
N ARG J 64 17.07 -2.68 -27.75
CA ARG J 64 18.04 -2.99 -28.81
C ARG J 64 18.30 -4.50 -28.95
N ARG J 65 18.05 -5.26 -27.90
CA ARG J 65 18.15 -6.71 -27.88
C ARG J 65 16.83 -7.42 -28.25
N GLY J 66 15.82 -6.68 -28.71
CA GLY J 66 14.56 -7.26 -29.13
C GLY J 66 13.49 -7.34 -28.06
N PHE J 67 13.73 -6.74 -26.89
CA PHE J 67 12.74 -6.80 -25.80
C PHE J 67 11.72 -5.68 -25.82
N ARG J 68 10.51 -5.96 -25.36
CA ARG J 68 9.46 -4.95 -25.26
C ARG J 68 8.79 -5.05 -23.91
N VAL J 69 8.50 -3.89 -23.28
CA VAL J 69 7.79 -3.88 -22.01
C VAL J 69 6.35 -4.32 -22.26
N LEU J 70 5.90 -5.36 -21.57
CA LEU J 70 4.51 -5.79 -21.65
C LEU J 70 3.71 -5.24 -20.44
N SER J 71 4.38 -5.02 -19.30
CA SER J 71 3.71 -4.52 -18.13
C SER J 71 4.69 -3.90 -17.12
N MET J 72 4.20 -2.98 -16.32
CA MET J 72 4.98 -2.32 -15.28
C MET J 72 4.09 -2.30 -14.04
N THR J 73 4.63 -2.53 -12.85
CA THR J 73 3.82 -2.43 -11.64
C THR J 73 4.62 -1.94 -10.45
N GLY J 74 3.91 -1.44 -9.45
CA GLY J 74 4.51 -1.09 -8.17
C GLY J 74 4.14 -2.14 -7.14
N VAL J 75 5.04 -2.46 -6.22
CA VAL J 75 4.74 -3.35 -5.10
C VAL J 75 5.67 -2.85 -3.96
N GLY J 76 5.14 -2.56 -2.78
CA GLY J 76 5.96 -1.99 -1.70
C GLY J 76 6.48 -0.62 -2.11
N GLN J 77 7.82 -0.47 -2.21
CA GLN J 77 8.42 0.75 -2.77
C GLN J 77 9.25 0.41 -4.01
N THR J 78 8.91 -0.71 -4.70
CA THR J 78 9.61 -1.19 -5.87
C THR J 78 8.77 -1.06 -7.14
N LEU J 79 9.41 -0.67 -8.25
CA LEU J 79 8.79 -0.62 -9.56
C LEU J 79 9.37 -1.81 -10.32
N VAL J 80 8.53 -2.62 -10.95
CA VAL J 80 8.97 -3.81 -11.67
C VAL J 80 8.49 -3.69 -13.13
N TRP J 81 9.34 -4.08 -14.09
CA TRP J 81 8.97 -4.12 -15.49
C TRP J 81 9.08 -5.56 -15.98
N CYS J 82 8.08 -5.99 -16.74
CA CYS J 82 8.05 -7.34 -17.30
C CYS J 82 8.22 -7.17 -18.80
N LEU J 83 9.32 -7.70 -19.36
CA LEU J 83 9.62 -7.57 -20.78
C LEU J 83 9.58 -8.90 -21.50
N HIS J 84 9.25 -8.89 -22.79
CA HIS J 84 9.19 -10.11 -23.60
C HIS J 84 9.91 -9.87 -24.93
N LYS J 85 10.69 -10.86 -25.39
CA LYS J 85 11.44 -10.80 -26.63
C LYS J 85 10.49 -10.91 -27.82
N GLU J 86 10.21 -9.77 -28.46
CA GLU J 86 9.34 -9.67 -29.62
C GLU J 86 9.67 -8.42 -30.43
#